data_8WTC
#
_entry.id   8WTC
#
_cell.length_a   188.104
_cell.length_b   74.208
_cell.length_c   79.935
_cell.angle_alpha   90.00
_cell.angle_beta   100.84
_cell.angle_gamma   90.00
#
_symmetry.space_group_name_H-M   'C 1 2 1'
#
loop_
_entity.id
_entity.type
_entity.pdbx_description
1 polymer 'Protein-arginine kinase'
2 polymer 'Protein-arginine kinase activator protein'
3 non-polymer 'ZINC ION'
#
loop_
_entity_poly.entity_id
_entity_poly.type
_entity_poly.pdbx_seq_one_letter_code
_entity_poly.pdbx_strand_id
1 'polypeptide(L)'
;GSKGPESDIVLSSRIRLARNFEHIRFPTRYSNEEASSIIQQFEDQFSEQEIPGIGKFVLIRMNDAQPLEKRVLVEKHLIS
PNLTESPFGGCLLSENEEVSVMLNEEDHIRIQCLFPGFQLLEAMKAANQVDDWIEEKVDYAFNEQRGYLTSCPTNVGTGL
RASVMMHLPALVLTRQINRIIPAINQLGLVVRGIYGEGSEAVGNIFQISNQITLGKSEQDIVEDLNSVAAQLIEQERSAR
EAI
;
A,C
2 'polypeptide(L)'
;GSMICQECHERPATFHFTKVVNGEKIEVHICEQCAKENSDSYGISANQGFSIHNLLSGLLNMDSSFQNAGTQMFSHSEQI
SACPKCGMTFQQFRKIGRFGCSECYKTFHSNITPILRKVHSGNTVHAGKIPKRIGGNLHVRRQIDMLKKELESLIHQEEF
ENAAHVRDQIRLLEQSLKSTDSEEEQE
;
B,D
#
# COMPACT_ATOMS: atom_id res chain seq x y z
N LYS A 3 -39.84 -7.58 3.73
CA LYS A 3 -39.90 -8.42 4.93
C LYS A 3 -39.08 -7.77 6.05
N GLY A 4 -39.29 -8.24 7.29
CA GLY A 4 -38.54 -7.80 8.44
C GLY A 4 -39.21 -6.64 9.17
N PRO A 5 -38.88 -6.49 10.46
CA PRO A 5 -39.39 -5.31 11.20
C PRO A 5 -39.04 -4.01 10.50
N GLU A 6 -39.99 -3.08 10.48
CA GLU A 6 -39.82 -1.78 9.83
C GLU A 6 -39.43 -1.91 8.36
N SER A 7 -39.96 -2.92 7.66
CA SER A 7 -39.66 -3.12 6.24
C SER A 7 -39.81 -1.81 5.47
N ASP A 8 -40.79 -1.00 5.87
CA ASP A 8 -41.01 0.29 5.23
C ASP A 8 -39.76 1.17 5.28
N ILE A 9 -39.00 1.11 6.37
CA ILE A 9 -37.99 2.13 6.70
C ILE A 9 -36.58 1.55 6.61
N VAL A 10 -36.30 0.55 7.44
CA VAL A 10 -34.99 -0.09 7.45
C VAL A 10 -34.95 -1.15 6.35
N LEU A 11 -33.99 -1.02 5.47
CA LEU A 11 -33.88 -2.03 4.43
C LEU A 11 -33.24 -3.30 4.97
N SER A 12 -32.13 -3.20 5.71
CA SER A 12 -31.50 -4.40 6.27
C SER A 12 -30.71 -4.03 7.52
N SER A 13 -30.14 -5.06 8.16
CA SER A 13 -29.21 -4.89 9.27
C SER A 13 -28.04 -5.83 9.05
N ARG A 14 -26.82 -5.30 9.15
CA ARG A 14 -25.62 -6.04 8.79
C ARG A 14 -24.68 -6.10 9.97
N ILE A 15 -24.09 -7.27 10.16
CA ILE A 15 -23.05 -7.48 11.16
C ILE A 15 -21.86 -8.13 10.45
N ARG A 16 -20.67 -7.61 10.70
CA ARG A 16 -19.48 -8.14 10.04
C ARG A 16 -18.36 -8.32 11.06
N LEU A 17 -17.80 -9.53 11.13
CA LEU A 17 -16.73 -9.83 12.08
C LEU A 17 -15.50 -10.28 11.32
N ALA A 18 -14.43 -9.50 11.39
CA ALA A 18 -13.17 -9.85 10.74
C ALA A 18 -12.32 -10.70 11.68
N ARG A 19 -11.68 -11.72 11.13
CA ARG A 19 -10.89 -12.68 11.90
C ARG A 19 -9.70 -13.14 11.09
N ASN A 20 -8.59 -13.43 11.75
CA ASN A 20 -7.45 -14.01 11.03
C ASN A 20 -6.92 -15.23 11.78
N PHE A 21 -6.43 -16.20 11.04
CA PHE A 21 -5.67 -17.31 11.64
C PHE A 21 -4.48 -16.76 12.42
N GLU A 22 -4.24 -17.29 13.63
CA GLU A 22 -3.11 -16.80 14.41
C GLU A 22 -1.79 -17.15 13.73
N HIS A 23 -1.63 -18.41 13.32
CA HIS A 23 -0.35 -18.97 12.93
C HIS A 23 -0.12 -18.93 11.42
N ILE A 24 -0.97 -18.22 10.69
CA ILE A 24 -0.80 -18.05 9.25
C ILE A 24 -0.68 -16.57 8.96
N ARG A 25 0.19 -16.23 8.01
CA ARG A 25 0.43 -14.84 7.69
C ARG A 25 -0.86 -14.21 7.19
N PHE A 26 -1.05 -12.93 7.49
CA PHE A 26 -2.26 -12.23 7.06
C PHE A 26 -2.27 -12.14 5.52
N PRO A 27 -3.40 -11.82 4.91
CA PRO A 27 -3.47 -11.84 3.43
C PRO A 27 -2.50 -10.88 2.76
N THR A 28 -1.91 -10.00 3.55
CA THR A 28 -0.88 -9.08 3.09
C THR A 28 0.41 -9.80 2.71
N ARG A 29 0.78 -10.87 3.41
CA ARG A 29 2.04 -11.56 3.13
C ARG A 29 1.94 -13.07 2.99
N TYR A 30 0.77 -13.66 3.16
CA TYR A 30 0.69 -15.11 3.17
C TYR A 30 0.89 -15.65 1.75
N SER A 31 1.40 -16.87 1.68
CA SER A 31 1.66 -17.52 0.42
C SER A 31 0.35 -18.05 -0.16
N ASN A 32 0.40 -18.41 -1.45
CA ASN A 32 -0.73 -19.07 -2.10
C ASN A 32 -1.06 -20.41 -1.43
N GLU A 33 -0.04 -21.20 -1.10
CA GLU A 33 -0.26 -22.45 -0.38
C GLU A 33 -0.99 -22.20 0.91
N GLU A 34 -0.56 -21.16 1.64
CA GLU A 34 -1.30 -20.76 2.84
C GLU A 34 -2.74 -20.43 2.51
N ALA A 35 -2.97 -19.62 1.47
CA ALA A 35 -4.32 -19.24 1.09
C ALA A 35 -5.15 -20.48 0.74
N SER A 36 -4.54 -21.44 0.04
CA SER A 36 -5.25 -22.65 -0.35
C SER A 36 -5.63 -23.50 0.84
N SER A 37 -4.73 -23.60 1.84
CA SER A 37 -5.01 -24.41 3.01
C SER A 37 -6.21 -23.89 3.79
N ILE A 38 -6.31 -22.58 3.94
CA ILE A 38 -7.42 -21.99 4.67
C ILE A 38 -8.73 -22.39 4.01
N ILE A 39 -8.80 -22.25 2.69
CA ILE A 39 -10.05 -22.54 2.02
C ILE A 39 -10.32 -24.04 2.00
N GLN A 40 -9.27 -24.87 2.01
CA GLN A 40 -9.52 -26.30 2.14
C GLN A 40 -9.94 -26.64 3.56
N GLN A 41 -9.29 -26.07 4.56
CA GLN A 41 -9.74 -26.29 5.92
C GLN A 41 -11.21 -25.90 6.05
N PHE A 42 -11.66 -24.91 5.28
CA PHE A 42 -13.07 -24.56 5.36
C PHE A 42 -13.93 -25.53 4.58
N GLU A 43 -13.46 -26.00 3.42
CA GLU A 43 -14.21 -27.04 2.73
C GLU A 43 -14.35 -28.30 3.57
N ASP A 44 -13.26 -28.71 4.23
CA ASP A 44 -13.28 -29.99 4.92
C ASP A 44 -14.17 -29.94 6.16
N GLN A 45 -14.01 -28.90 6.98
CA GLN A 45 -14.62 -28.83 8.29
C GLN A 45 -15.90 -28.02 8.36
N PHE A 46 -16.28 -27.32 7.31
CA PHE A 46 -17.48 -26.49 7.40
C PHE A 46 -18.41 -26.63 6.21
N SER A 47 -17.95 -27.18 5.08
CA SER A 47 -18.74 -27.02 3.87
C SER A 47 -20.04 -27.82 3.86
N GLU A 48 -20.16 -28.90 4.59
CA GLU A 48 -21.46 -29.58 4.53
C GLU A 48 -22.10 -29.69 5.91
N GLN A 49 -21.92 -28.65 6.70
CA GLN A 49 -22.23 -28.72 8.12
C GLN A 49 -23.41 -27.80 8.42
N GLU A 50 -24.26 -28.25 9.33
CA GLU A 50 -25.38 -27.47 9.81
C GLU A 50 -24.92 -26.89 11.14
N ILE A 51 -25.23 -25.63 11.39
CA ILE A 51 -25.36 -25.14 12.76
C ILE A 51 -26.84 -24.95 13.00
N PRO A 52 -27.38 -25.45 14.11
CA PRO A 52 -28.83 -25.51 14.26
C PRO A 52 -29.42 -24.12 14.42
N GLY A 53 -30.52 -23.88 13.71
CA GLY A 53 -31.19 -22.60 13.74
C GLY A 53 -30.77 -21.65 12.63
N ILE A 54 -29.52 -21.75 12.18
CA ILE A 54 -28.98 -20.90 11.12
C ILE A 54 -29.03 -21.61 9.77
N GLY A 55 -28.78 -22.91 9.77
CA GLY A 55 -29.00 -23.75 8.62
C GLY A 55 -27.72 -24.43 8.17
N LYS A 56 -27.78 -24.97 6.96
CA LYS A 56 -26.65 -25.65 6.34
C LYS A 56 -25.82 -24.65 5.56
N PHE A 57 -24.51 -24.75 5.69
CA PHE A 57 -23.58 -23.96 4.91
C PHE A 57 -23.04 -24.80 3.77
N VAL A 58 -22.69 -24.13 2.68
CA VAL A 58 -22.13 -24.74 1.48
C VAL A 58 -21.03 -23.82 0.97
N LEU A 59 -19.82 -24.37 0.80
CA LEU A 59 -18.71 -23.55 0.35
C LEU A 59 -18.79 -23.35 -1.16
N ILE A 60 -18.68 -22.10 -1.59
CA ILE A 60 -18.52 -21.75 -2.99
C ILE A 60 -17.05 -21.39 -3.21
N ARG A 61 -16.27 -22.24 -3.85
CA ARG A 61 -14.93 -21.78 -4.20
C ARG A 61 -15.04 -20.82 -5.37
N MET A 62 -14.36 -19.68 -5.28
CA MET A 62 -14.37 -18.73 -6.38
C MET A 62 -13.69 -19.31 -7.62
N ASN A 63 -12.62 -20.10 -7.43
CA ASN A 63 -12.01 -20.80 -8.55
C ASN A 63 -13.00 -21.62 -9.38
N ASP A 64 -14.01 -22.21 -8.73
CA ASP A 64 -14.96 -23.10 -9.37
C ASP A 64 -16.22 -22.38 -9.81
N ALA A 65 -16.29 -21.07 -9.59
CA ALA A 65 -17.52 -20.29 -9.77
C ALA A 65 -17.57 -19.64 -11.15
N GLN A 66 -18.71 -19.81 -11.80
CA GLN A 66 -19.03 -19.19 -13.08
C GLN A 66 -18.96 -17.66 -12.91
N PRO A 67 -18.57 -16.87 -13.94
CA PRO A 67 -18.50 -15.40 -13.72
C PRO A 67 -19.83 -14.76 -13.33
N LEU A 68 -20.92 -15.09 -14.03
CA LEU A 68 -22.18 -14.47 -13.67
C LEU A 68 -22.64 -14.94 -12.27
N GLU A 69 -22.23 -16.14 -11.86
CA GLU A 69 -22.50 -16.53 -10.48
C GLU A 69 -21.85 -15.55 -9.53
N LYS A 70 -20.59 -15.16 -9.80
CA LYS A 70 -19.90 -14.20 -8.95
C LYS A 70 -20.61 -12.84 -8.96
N ARG A 71 -21.11 -12.43 -10.13
CA ARG A 71 -21.92 -11.22 -10.24
C ARG A 71 -23.07 -11.23 -9.25
N VAL A 72 -23.85 -12.32 -9.26
CA VAL A 72 -25.00 -12.44 -8.37
C VAL A 72 -24.54 -12.42 -6.91
N LEU A 73 -23.38 -13.01 -6.62
CA LEU A 73 -22.89 -12.99 -5.24
C LEU A 73 -22.48 -11.58 -4.85
N VAL A 74 -21.85 -10.85 -5.77
CA VAL A 74 -21.51 -9.46 -5.49
C VAL A 74 -22.77 -8.66 -5.24
N GLU A 75 -23.73 -8.77 -6.15
CA GLU A 75 -24.95 -7.97 -6.01
C GLU A 75 -25.63 -8.28 -4.68
N LYS A 76 -25.87 -9.56 -4.40
CA LYS A 76 -26.47 -10.02 -3.14
C LYS A 76 -25.60 -9.68 -1.93
N HIS A 77 -24.44 -9.06 -2.14
CA HIS A 77 -23.55 -8.61 -1.07
C HIS A 77 -22.90 -9.77 -0.29
N LEU A 78 -22.80 -10.95 -0.88
CA LEU A 78 -22.21 -12.07 -0.18
C LEU A 78 -20.70 -12.03 -0.24
N ILE A 79 -20.17 -11.37 -1.27
CA ILE A 79 -18.74 -11.23 -1.44
C ILE A 79 -18.48 -9.81 -1.89
N SER A 80 -17.22 -9.46 -1.92
CA SER A 80 -16.83 -8.17 -2.40
C SER A 80 -16.16 -8.30 -3.76
N PRO A 81 -16.08 -7.20 -4.53
CA PRO A 81 -15.51 -7.30 -5.90
C PRO A 81 -14.07 -7.78 -5.96
N ASN A 82 -13.21 -7.41 -5.00
CA ASN A 82 -11.84 -7.91 -5.04
C ASN A 82 -11.81 -9.42 -5.04
N LEU A 83 -12.77 -10.05 -4.38
CA LEU A 83 -12.69 -11.49 -4.23
C LEU A 83 -13.11 -12.24 -5.50
N THR A 84 -13.71 -11.56 -6.49
CA THR A 84 -14.11 -12.25 -7.74
C THR A 84 -12.91 -12.71 -8.53
N GLU A 85 -11.80 -11.98 -8.45
CA GLU A 85 -10.59 -12.36 -9.15
C GLU A 85 -9.59 -13.04 -8.22
N SER A 86 -9.86 -13.03 -6.92
CA SER A 86 -9.09 -13.79 -5.93
C SER A 86 -9.10 -15.26 -6.30
N PRO A 87 -7.95 -15.92 -6.29
CA PRO A 87 -7.88 -17.29 -6.81
C PRO A 87 -8.39 -18.24 -5.75
N PHE A 88 -7.97 -18.00 -4.52
CA PHE A 88 -8.33 -18.87 -3.40
C PHE A 88 -9.39 -18.27 -2.53
N GLY A 89 -10.01 -17.19 -3.00
CA GLY A 89 -11.15 -16.66 -2.30
C GLY A 89 -12.34 -17.59 -2.37
N GLY A 90 -13.24 -17.41 -1.41
CA GLY A 90 -14.33 -18.33 -1.22
C GLY A 90 -15.39 -17.66 -0.37
N CYS A 91 -16.58 -18.25 -0.42
CA CYS A 91 -17.77 -17.77 0.28
C CYS A 91 -18.47 -18.99 0.84
N LEU A 92 -18.45 -19.12 2.16
CA LEU A 92 -19.14 -20.21 2.87
C LEU A 92 -20.54 -19.73 3.21
N LEU A 93 -21.57 -20.23 2.51
CA LEU A 93 -22.85 -19.56 2.52
C LEU A 93 -23.98 -20.46 3.04
N SER A 94 -24.92 -19.90 3.82
CA SER A 94 -26.06 -20.67 4.31
C SER A 94 -27.12 -20.82 3.23
N GLU A 95 -27.94 -21.88 3.31
CA GLU A 95 -28.97 -22.09 2.31
C GLU A 95 -29.91 -20.89 2.26
N ASN A 96 -30.18 -20.34 3.43
CA ASN A 96 -30.94 -19.12 3.59
C ASN A 96 -30.28 -17.92 2.92
N GLU A 97 -28.97 -18.00 2.63
CA GLU A 97 -28.13 -16.97 2.02
C GLU A 97 -28.02 -15.71 2.88
N GLU A 98 -28.51 -15.77 4.11
CA GLU A 98 -28.45 -14.64 5.01
C GLU A 98 -27.17 -14.60 5.81
N VAL A 99 -26.54 -15.75 5.99
CA VAL A 99 -25.34 -15.83 6.78
C VAL A 99 -24.24 -16.35 5.87
N SER A 100 -23.12 -15.63 5.81
CA SER A 100 -22.05 -15.98 4.91
C SER A 100 -20.72 -15.79 5.62
N VAL A 101 -19.71 -16.44 5.07
CA VAL A 101 -18.39 -16.34 5.65
C VAL A 101 -17.45 -16.18 4.47
N MET A 102 -17.01 -14.95 4.23
CA MET A 102 -16.06 -14.64 3.19
C MET A 102 -14.65 -15.01 3.63
N LEU A 103 -13.87 -15.52 2.70
CA LEU A 103 -12.58 -16.10 3.02
C LEU A 103 -11.52 -15.56 2.08
N ASN A 104 -10.35 -15.19 2.65
CA ASN A 104 -9.18 -14.78 1.86
C ASN A 104 -9.41 -13.49 1.07
N GLU A 105 -10.02 -12.51 1.72
CA GLU A 105 -10.16 -11.18 1.17
C GLU A 105 -9.22 -10.36 2.03
N GLU A 106 -9.65 -9.25 2.63
CA GLU A 106 -8.70 -8.43 3.36
C GLU A 106 -8.18 -9.16 4.59
N ASP A 107 -9.03 -9.93 5.24
CA ASP A 107 -8.63 -10.79 6.33
C ASP A 107 -8.89 -12.22 5.88
N HIS A 108 -8.41 -13.19 6.66
CA HIS A 108 -8.68 -14.58 6.29
C HIS A 108 -10.17 -14.84 6.28
N ILE A 109 -10.86 -14.39 7.31
CA ILE A 109 -12.26 -14.71 7.56
C ILE A 109 -13.02 -13.42 7.82
N ARG A 110 -14.22 -13.32 7.24
CA ARG A 110 -15.10 -12.18 7.54
C ARG A 110 -16.51 -12.74 7.61
N ILE A 111 -17.03 -12.88 8.81
CA ILE A 111 -18.37 -13.40 9.00
C ILE A 111 -19.37 -12.29 8.74
N GLN A 112 -20.46 -12.62 8.05
CA GLN A 112 -21.51 -11.66 7.74
C GLN A 112 -22.87 -12.20 8.08
N CYS A 113 -23.63 -11.39 8.80
CA CYS A 113 -25.06 -11.61 8.95
C CYS A 113 -25.80 -10.44 8.36
N LEU A 114 -26.59 -10.72 7.33
CA LEU A 114 -27.37 -9.72 6.61
C LEU A 114 -28.84 -10.13 6.72
N PHE A 115 -29.59 -9.40 7.52
CA PHE A 115 -30.99 -9.67 7.82
C PHE A 115 -31.86 -8.57 7.25
N PRO A 116 -33.16 -8.85 6.99
CA PRO A 116 -34.02 -7.87 6.33
C PRO A 116 -34.43 -6.68 7.18
N GLY A 117 -34.94 -6.89 8.36
CA GLY A 117 -35.61 -5.80 9.04
C GLY A 117 -34.69 -4.83 9.75
N PHE A 118 -35.16 -4.42 10.92
CA PHE A 118 -34.35 -3.76 11.92
C PHE A 118 -34.15 -4.82 12.99
N GLN A 119 -33.12 -5.65 12.81
CA GLN A 119 -32.82 -6.70 13.77
C GLN A 119 -31.30 -6.87 13.94
N LEU A 120 -30.66 -5.79 14.41
CA LEU A 120 -29.23 -5.82 14.70
C LEU A 120 -28.88 -6.94 15.68
N LEU A 121 -29.65 -7.06 16.76
CA LEU A 121 -29.30 -7.99 17.83
C LEU A 121 -29.43 -9.44 17.41
N GLU A 122 -30.54 -9.79 16.79
CA GLU A 122 -30.64 -11.10 16.16
C GLU A 122 -29.39 -11.37 15.30
N ALA A 123 -28.97 -10.36 14.50
CA ALA A 123 -27.79 -10.53 13.65
C ALA A 123 -26.49 -10.66 14.46
N MET A 124 -26.31 -9.85 15.50
CA MET A 124 -25.20 -10.04 16.42
C MET A 124 -25.16 -11.48 16.93
N LYS A 125 -26.24 -11.89 17.60
CA LYS A 125 -26.39 -13.24 18.12
C LYS A 125 -26.04 -14.31 17.07
N ALA A 126 -26.59 -14.19 15.87
CA ALA A 126 -26.26 -15.15 14.83
C ALA A 126 -24.77 -15.15 14.51
N ALA A 127 -24.17 -13.96 14.41
CA ALA A 127 -22.79 -13.87 13.96
C ALA A 127 -21.83 -14.42 15.03
N ASN A 128 -22.10 -14.09 16.30
CA ASN A 128 -21.33 -14.70 17.39
C ASN A 128 -21.47 -16.21 17.42
N GLN A 129 -22.58 -16.75 16.90
CA GLN A 129 -22.65 -18.21 16.79
C GLN A 129 -21.72 -18.72 15.72
N VAL A 130 -21.79 -18.15 14.50
CA VAL A 130 -20.85 -18.57 13.47
C VAL A 130 -19.42 -18.32 13.94
N ASP A 131 -19.22 -17.25 14.71
CA ASP A 131 -17.89 -16.96 15.22
C ASP A 131 -17.39 -18.08 16.12
N ASP A 132 -18.17 -18.39 17.18
CA ASP A 132 -17.81 -19.47 18.11
C ASP A 132 -17.67 -20.81 17.39
N TRP A 133 -18.59 -21.11 16.46
CA TRP A 133 -18.48 -22.31 15.64
C TRP A 133 -17.11 -22.43 14.99
N ILE A 134 -16.73 -21.42 14.22
CA ILE A 134 -15.43 -21.46 13.55
C ILE A 134 -14.30 -21.51 14.58
N GLU A 135 -14.44 -20.74 15.66
CA GLU A 135 -13.43 -20.74 16.73
C GLU A 135 -13.22 -22.13 17.32
N GLU A 136 -14.24 -22.99 17.29
CA GLU A 136 -14.04 -24.33 17.82
C GLU A 136 -12.88 -25.03 17.11
N LYS A 137 -12.70 -24.77 15.82
CA LYS A 137 -11.76 -25.54 15.03
C LYS A 137 -10.68 -24.68 14.35
N VAL A 138 -10.64 -23.37 14.60
CA VAL A 138 -9.67 -22.47 13.99
C VAL A 138 -9.02 -21.62 15.08
N ASP A 139 -7.69 -21.58 15.09
CA ASP A 139 -6.97 -20.82 16.11
C ASP A 139 -6.99 -19.35 15.73
N TYR A 140 -7.78 -18.53 16.43
CA TYR A 140 -7.92 -17.13 16.04
C TYR A 140 -6.69 -16.33 16.43
N ALA A 141 -6.40 -15.29 15.63
CA ALA A 141 -5.27 -14.38 15.85
C ALA A 141 -5.74 -13.33 16.84
N PHE A 142 -5.50 -13.61 18.10
CA PHE A 142 -6.06 -12.82 19.17
C PHE A 142 -4.97 -12.50 20.16
N ASN A 143 -5.21 -11.46 20.93
CA ASN A 143 -4.23 -10.84 21.79
C ASN A 143 -5.08 -10.18 22.87
N GLU A 144 -4.85 -10.57 24.13
CA GLU A 144 -5.74 -10.20 25.24
C GLU A 144 -5.81 -8.70 25.49
N GLN A 145 -4.85 -7.93 24.98
CA GLN A 145 -4.82 -6.49 25.19
C GLN A 145 -5.40 -5.70 24.02
N ARG A 146 -5.08 -6.09 22.79
CA ARG A 146 -5.53 -5.38 21.60
C ARG A 146 -6.72 -6.04 20.92
N GLY A 147 -7.07 -7.24 21.31
CA GLY A 147 -8.28 -7.88 20.80
C GLY A 147 -8.03 -8.81 19.64
N TYR A 148 -9.04 -8.90 18.77
CA TYR A 148 -8.87 -9.59 17.51
C TYR A 148 -7.95 -8.77 16.62
N LEU A 149 -7.00 -9.44 15.98
CA LEU A 149 -6.00 -8.77 15.16
C LEU A 149 -6.37 -8.93 13.68
N THR A 150 -6.41 -7.81 12.99
CA THR A 150 -6.87 -7.71 11.61
C THR A 150 -5.79 -7.07 10.79
N SER A 151 -5.93 -7.13 9.46
CA SER A 151 -4.95 -6.49 8.59
C SER A 151 -4.94 -4.97 8.76
N CYS A 152 -6.13 -4.32 8.59
CA CYS A 152 -6.18 -2.87 8.82
C CYS A 152 -6.27 -2.57 10.31
N PRO A 153 -5.60 -1.51 10.78
CA PRO A 153 -5.86 -1.03 12.14
C PRO A 153 -7.23 -0.44 12.35
N THR A 154 -7.94 -0.05 11.27
CA THR A 154 -9.29 0.46 11.48
C THR A 154 -10.26 -0.61 11.97
N ASN A 155 -9.88 -1.90 11.97
CA ASN A 155 -10.74 -3.00 12.34
C ASN A 155 -10.32 -3.71 13.62
N VAL A 156 -9.12 -3.46 14.14
CA VAL A 156 -8.61 -4.22 15.25
C VAL A 156 -9.48 -3.98 16.48
N GLY A 157 -9.51 -4.97 17.38
CA GLY A 157 -10.31 -4.90 18.58
C GLY A 157 -11.46 -5.87 18.48
N THR A 158 -12.68 -5.33 18.47
CA THR A 158 -13.84 -6.18 18.26
C THR A 158 -13.81 -6.81 16.87
N GLY A 159 -13.18 -6.16 15.89
CA GLY A 159 -13.26 -6.62 14.51
C GLY A 159 -14.69 -6.60 14.00
N LEU A 160 -15.53 -5.78 14.60
CA LEU A 160 -16.95 -5.77 14.30
C LEU A 160 -17.31 -4.47 13.60
N ARG A 161 -17.90 -4.59 12.42
CA ARG A 161 -18.50 -3.44 11.74
C ARG A 161 -19.99 -3.72 11.67
N ALA A 162 -20.78 -2.81 12.21
CA ALA A 162 -22.22 -2.99 12.29
C ALA A 162 -22.89 -1.89 11.49
N SER A 163 -23.85 -2.27 10.66
CA SER A 163 -24.43 -1.32 9.73
C SER A 163 -25.94 -1.49 9.74
N VAL A 164 -26.63 -0.38 9.55
CA VAL A 164 -28.05 -0.36 9.30
C VAL A 164 -28.27 0.49 8.07
N MET A 165 -29.13 0.00 7.16
CA MET A 165 -29.50 0.67 5.93
C MET A 165 -30.91 1.23 6.09
N MET A 166 -31.08 2.55 5.88
CA MET A 166 -32.41 3.14 6.10
C MET A 166 -32.88 4.03 4.95
N HIS A 167 -34.16 3.91 4.61
CA HIS A 167 -34.81 4.70 3.58
C HIS A 167 -35.59 5.77 4.32
N LEU A 168 -35.16 7.01 4.20
CA LEU A 168 -35.75 8.11 4.96
C LEU A 168 -36.16 9.23 4.02
N PRO A 169 -37.10 8.98 3.11
CA PRO A 169 -37.56 10.06 2.23
C PRO A 169 -38.02 11.30 3.00
N ALA A 170 -38.94 11.13 3.95
CA ALA A 170 -39.51 12.30 4.61
C ALA A 170 -38.43 13.13 5.32
N LEU A 171 -37.40 12.49 5.86
CA LEU A 171 -36.39 13.27 6.56
C LEU A 171 -35.56 14.09 5.59
N VAL A 172 -35.44 13.62 4.35
CA VAL A 172 -34.77 14.43 3.34
C VAL A 172 -35.66 15.60 2.95
N LEU A 173 -36.94 15.33 2.73
CA LEU A 173 -37.87 16.35 2.25
C LEU A 173 -38.08 17.45 3.27
N THR A 174 -38.12 17.12 4.56
CA THR A 174 -38.37 18.08 5.63
C THR A 174 -37.14 18.94 5.94
N ARG A 175 -36.06 18.76 5.19
CA ARG A 175 -34.76 19.39 5.42
C ARG A 175 -34.15 19.01 6.77
N GLN A 176 -34.74 18.04 7.48
CA GLN A 176 -34.17 17.59 8.73
C GLN A 176 -32.80 16.94 8.50
N ILE A 177 -32.66 16.21 7.39
CA ILE A 177 -31.47 15.40 7.14
C ILE A 177 -30.18 16.20 7.31
N ASN A 178 -30.22 17.51 7.03
CA ASN A 178 -29.01 18.31 7.08
C ASN A 178 -28.50 18.50 8.50
N ARG A 179 -29.38 18.45 9.49
CA ARG A 179 -28.94 18.59 10.88
C ARG A 179 -28.53 17.25 11.47
N ILE A 180 -29.10 16.15 10.95
CA ILE A 180 -28.96 14.83 11.56
C ILE A 180 -27.59 14.20 11.25
N ILE A 181 -27.11 14.29 10.00
CA ILE A 181 -25.76 13.81 9.69
C ILE A 181 -24.72 14.41 10.64
N PRO A 182 -24.68 15.73 10.89
CA PRO A 182 -23.72 16.23 11.88
C PRO A 182 -23.89 15.61 13.25
N ALA A 183 -25.14 15.41 13.69
CA ALA A 183 -25.39 14.80 14.99
C ALA A 183 -24.88 13.36 15.03
N ILE A 184 -25.13 12.58 13.97
CA ILE A 184 -24.64 11.20 13.95
C ILE A 184 -23.13 11.16 14.17
N ASN A 185 -22.39 11.95 13.41
CA ASN A 185 -20.94 11.88 13.48
C ASN A 185 -20.44 12.12 14.89
N GLN A 186 -20.93 13.20 15.54
CA GLN A 186 -20.49 13.48 16.91
C GLN A 186 -20.85 12.37 17.90
N LEU A 187 -21.74 11.45 17.50
CA LEU A 187 -22.18 10.35 18.34
C LEU A 187 -21.44 9.05 18.06
N GLY A 188 -20.28 9.13 17.41
CA GLY A 188 -19.48 7.93 17.19
C GLY A 188 -19.95 7.01 16.09
N LEU A 189 -20.75 7.51 15.15
CA LEU A 189 -21.21 6.73 14.03
C LEU A 189 -20.83 7.45 12.74
N VAL A 190 -20.96 6.75 11.61
CA VAL A 190 -20.72 7.36 10.30
C VAL A 190 -21.85 7.02 9.34
N VAL A 191 -22.28 8.03 8.57
CA VAL A 191 -23.33 7.93 7.56
C VAL A 191 -22.73 7.95 6.17
N ARG A 192 -23.33 7.22 5.23
CA ARG A 192 -23.05 7.40 3.81
C ARG A 192 -24.33 7.24 3.00
N GLY A 193 -24.26 7.67 1.73
CA GLY A 193 -25.35 7.51 0.77
C GLY A 193 -25.38 6.18 0.02
N GLY A 203 -31.85 7.87 -4.10
CA GLY A 203 -31.31 9.13 -3.62
C GLY A 203 -31.55 9.40 -2.14
N ASN A 204 -32.43 8.60 -1.52
CA ASN A 204 -32.88 8.82 -0.14
C ASN A 204 -32.45 7.69 0.80
N ILE A 205 -31.40 6.95 0.44
CA ILE A 205 -30.96 5.77 1.19
C ILE A 205 -29.68 6.12 1.94
N PHE A 206 -29.69 5.91 3.26
CA PHE A 206 -28.49 6.11 4.08
C PHE A 206 -28.11 4.85 4.81
N GLN A 207 -26.80 4.67 4.96
CA GLN A 207 -26.25 3.57 5.72
C GLN A 207 -25.44 4.12 6.89
N ILE A 208 -25.69 3.58 8.08
CA ILE A 208 -25.15 4.10 9.33
C ILE A 208 -24.35 2.99 10.00
N SER A 209 -23.11 3.26 10.36
CA SER A 209 -22.27 2.24 10.96
C SER A 209 -21.48 2.81 12.12
N ASN A 210 -20.90 1.92 12.91
CA ASN A 210 -20.04 2.35 13.99
C ASN A 210 -18.72 2.88 13.45
N GLN A 211 -18.20 3.91 14.13
CA GLN A 211 -16.93 4.52 13.76
C GLN A 211 -15.75 3.66 14.18
N ILE A 212 -15.78 3.12 15.40
CA ILE A 212 -14.58 2.55 15.99
C ILE A 212 -14.83 1.10 16.37
N THR A 213 -13.74 0.35 16.59
CA THR A 213 -13.81 -1.08 16.89
C THR A 213 -12.98 -1.48 18.10
N LEU A 214 -12.31 -0.53 18.78
CA LEU A 214 -11.44 -0.77 19.94
C LEU A 214 -11.92 0.03 21.13
N GLY A 215 -11.96 -0.63 22.29
CA GLY A 215 -12.32 0.06 23.52
C GLY A 215 -13.79 0.02 23.89
N LYS A 216 -14.66 -0.48 23.01
CA LYS A 216 -16.07 -0.68 23.30
C LYS A 216 -16.36 -2.18 23.27
N SER A 217 -17.42 -2.61 23.93
CA SER A 217 -17.81 -3.99 23.72
C SER A 217 -18.71 -4.07 22.49
N GLU A 218 -18.84 -5.29 21.95
CA GLU A 218 -19.77 -5.51 20.85
C GLU A 218 -21.20 -5.16 21.26
N GLN A 219 -21.60 -5.52 22.49
CA GLN A 219 -22.89 -5.07 22.98
C GLN A 219 -23.01 -3.55 22.90
N ASP A 220 -21.99 -2.83 23.36
CA ASP A 220 -22.05 -1.38 23.33
C ASP A 220 -22.13 -0.84 21.92
N ILE A 221 -21.44 -1.48 20.97
CA ILE A 221 -21.46 -1.03 19.59
C ILE A 221 -22.86 -1.19 19.01
N VAL A 222 -23.41 -2.41 19.08
CA VAL A 222 -24.74 -2.66 18.53
C VAL A 222 -25.77 -1.85 19.29
N GLU A 223 -25.62 -1.73 20.61
CA GLU A 223 -26.54 -0.97 21.44
C GLU A 223 -26.67 0.47 20.96
N ASP A 224 -25.53 1.15 20.80
CA ASP A 224 -25.59 2.57 20.45
C ASP A 224 -26.10 2.72 19.02
N LEU A 225 -25.59 1.90 18.10
CA LEU A 225 -26.08 1.97 16.72
C LEU A 225 -27.59 1.75 16.68
N ASN A 226 -28.06 0.76 17.43
CA ASN A 226 -29.48 0.44 17.50
C ASN A 226 -30.28 1.61 18.06
N SER A 227 -29.82 2.17 19.19
CA SER A 227 -30.52 3.29 19.78
C SER A 227 -30.73 4.40 18.77
N VAL A 228 -29.64 4.84 18.11
CA VAL A 228 -29.74 5.96 17.17
C VAL A 228 -30.64 5.59 16.00
N ALA A 229 -30.45 4.41 15.41
CA ALA A 229 -31.35 3.95 14.35
C ALA A 229 -32.81 3.94 14.81
N ALA A 230 -33.06 3.57 16.06
CA ALA A 230 -34.44 3.55 16.54
C ALA A 230 -35.04 4.96 16.52
N GLN A 231 -34.30 5.96 17.01
CA GLN A 231 -34.83 7.32 16.99
C GLN A 231 -35.03 7.85 15.57
N LEU A 232 -34.12 7.53 14.66
CA LEU A 232 -34.38 7.88 13.26
C LEU A 232 -35.69 7.25 12.76
N ILE A 233 -35.95 5.98 13.13
CA ILE A 233 -37.19 5.31 12.70
C ILE A 233 -38.42 6.07 13.18
N GLU A 234 -38.37 6.60 14.40
CA GLU A 234 -39.51 7.32 14.93
C GLU A 234 -39.66 8.69 14.29
N GLN A 235 -38.54 9.31 13.94
CA GLN A 235 -38.58 10.60 13.26
C GLN A 235 -39.12 10.49 11.83
N GLU A 236 -38.64 9.50 11.06
CA GLU A 236 -39.16 9.31 9.71
C GLU A 236 -40.64 9.00 9.74
N ARG A 237 -41.09 8.16 10.68
CA ARG A 237 -42.51 7.85 10.78
C ARG A 237 -43.32 9.10 11.14
N SER A 238 -42.82 9.93 12.06
CA SER A 238 -43.49 11.19 12.38
C SER A 238 -43.47 12.16 11.21
N ALA A 239 -42.41 12.18 10.42
CA ALA A 239 -42.41 13.06 9.25
C ALA A 239 -43.38 12.58 8.19
N ARG A 240 -43.59 11.26 8.04
CA ARG A 240 -44.57 10.76 7.08
C ARG A 240 -45.99 11.13 7.49
N GLU A 241 -46.31 10.99 8.78
CA GLU A 241 -47.64 11.38 9.27
C GLU A 241 -47.91 12.86 8.99
N ALA A 242 -46.89 13.71 9.01
CA ALA A 242 -47.00 15.08 8.53
C ALA A 242 -47.34 15.10 7.03
N GLN B 79 13.81 -0.24 19.61
CA GLN B 79 14.49 0.19 18.39
C GLN B 79 13.67 -0.05 17.10
N ILE B 80 14.37 -0.34 16.00
CA ILE B 80 13.76 -0.50 14.68
C ILE B 80 14.10 -1.91 14.19
N SER B 81 13.15 -2.82 14.35
CA SER B 81 13.29 -4.20 13.93
C SER B 81 12.29 -4.49 12.82
N ALA B 82 12.32 -5.74 12.35
CA ALA B 82 11.37 -6.31 11.41
C ALA B 82 10.61 -7.45 12.08
N CYS B 83 9.52 -7.88 11.46
CA CYS B 83 8.72 -8.97 11.99
C CYS B 83 9.41 -10.30 11.69
N PRO B 84 9.70 -11.12 12.69
CA PRO B 84 10.31 -12.44 12.38
C PRO B 84 9.46 -13.35 11.53
N LYS B 85 8.17 -13.06 11.38
CA LYS B 85 7.34 -13.91 10.53
C LYS B 85 6.86 -13.20 9.25
N CYS B 86 6.21 -12.04 9.36
CA CYS B 86 5.84 -11.29 8.16
C CYS B 86 7.08 -10.97 7.35
N GLY B 87 8.18 -10.61 8.04
CA GLY B 87 9.30 -9.91 7.46
C GLY B 87 9.16 -8.41 7.44
N MET B 88 7.94 -7.90 7.49
CA MET B 88 7.66 -6.50 7.29
C MET B 88 8.32 -5.64 8.36
N THR B 89 8.98 -4.55 7.92
CA THR B 89 9.59 -3.58 8.82
C THR B 89 8.66 -2.40 8.96
N PHE B 90 8.87 -1.60 10.03
CA PHE B 90 7.90 -0.55 10.36
C PHE B 90 7.69 0.42 9.20
N GLN B 91 8.76 0.76 8.48
CA GLN B 91 8.63 1.71 7.38
C GLN B 91 7.78 1.13 6.26
N GLN B 92 7.88 -0.18 6.04
CA GLN B 92 6.94 -0.83 5.14
C GLN B 92 5.52 -0.61 5.62
N PHE B 93 5.29 -0.88 6.91
CA PHE B 93 3.95 -0.73 7.47
C PHE B 93 3.43 0.68 7.25
N ARG B 94 4.30 1.69 7.40
CA ARG B 94 3.90 3.08 7.17
C ARG B 94 3.39 3.28 5.74
N LYS B 95 4.14 2.76 4.75
CA LYS B 95 3.69 2.91 3.36
C LYS B 95 2.39 2.15 3.11
N ILE B 96 2.41 0.84 3.37
CA ILE B 96 1.34 -0.07 3.01
C ILE B 96 0.09 0.15 3.87
N GLY B 97 0.28 0.41 5.17
CA GLY B 97 -0.86 0.68 6.04
C GLY B 97 -1.65 -0.53 6.50
N ARG B 98 -1.14 -1.74 6.23
CA ARG B 98 -1.77 -3.01 6.54
C ARG B 98 -0.73 -3.92 7.16
N PHE B 99 -1.12 -4.65 8.19
CA PHE B 99 -0.18 -5.49 8.94
C PHE B 99 0.15 -6.77 8.21
N GLY B 100 1.37 -7.28 8.47
CA GLY B 100 1.83 -8.54 7.91
C GLY B 100 1.28 -9.83 8.50
N CYS B 101 1.21 -9.96 9.82
CA CYS B 101 0.76 -11.19 10.47
C CYS B 101 0.41 -10.83 11.90
N SER B 102 -0.01 -11.84 12.66
CA SER B 102 -0.25 -11.67 14.10
C SER B 102 0.89 -10.92 14.77
N GLU B 103 2.13 -11.34 14.48
CA GLU B 103 3.26 -10.85 15.26
C GLU B 103 3.70 -9.43 14.92
N CYS B 104 3.16 -8.82 13.87
CA CYS B 104 3.47 -7.41 13.65
C CYS B 104 2.94 -6.56 14.79
N TYR B 105 1.81 -6.93 15.40
CA TYR B 105 1.32 -6.17 16.55
C TYR B 105 2.32 -6.29 17.69
N LYS B 106 2.97 -7.45 17.77
CA LYS B 106 3.96 -7.69 18.81
C LYS B 106 5.21 -6.84 18.57
N THR B 107 5.68 -6.82 17.32
CA THR B 107 6.91 -6.14 16.94
C THR B 107 6.79 -4.62 16.93
N PHE B 108 5.59 -4.08 16.69
CA PHE B 108 5.39 -2.64 16.59
C PHE B 108 4.52 -2.12 17.71
N HIS B 109 4.39 -2.89 18.80
CA HIS B 109 3.50 -2.56 19.90
C HIS B 109 3.62 -1.10 20.31
N SER B 110 4.84 -0.68 20.62
CA SER B 110 5.09 0.70 20.99
C SER B 110 4.59 1.66 19.92
N ASN B 111 4.90 1.38 18.64
CA ASN B 111 4.55 2.31 17.57
C ASN B 111 3.06 2.29 17.23
N ILE B 112 2.39 1.16 17.42
CA ILE B 112 0.98 1.04 17.05
C ILE B 112 0.12 1.91 17.95
N THR B 113 0.43 1.97 19.25
CA THR B 113 -0.49 2.58 20.19
C THR B 113 -0.87 4.00 19.83
N PRO B 114 0.06 4.88 19.40
CA PRO B 114 -0.37 6.20 18.91
C PRO B 114 -1.31 6.11 17.74
N ILE B 115 -1.17 5.07 16.91
CA ILE B 115 -2.03 4.88 15.74
C ILE B 115 -3.45 4.54 16.18
N LEU B 116 -3.58 3.56 17.09
CA LEU B 116 -4.90 3.21 17.56
C LEU B 116 -5.56 4.38 18.32
N ARG B 117 -4.84 5.01 19.26
CA ARG B 117 -5.35 6.20 19.95
C ARG B 117 -6.03 7.12 18.95
N LYS B 118 -5.39 7.31 17.79
CA LYS B 118 -5.88 8.27 16.82
C LYS B 118 -7.10 7.76 16.06
N VAL B 119 -7.17 6.47 15.77
CA VAL B 119 -8.27 5.97 14.93
C VAL B 119 -9.56 5.79 15.74
N HIS B 120 -9.44 5.40 17.01
CA HIS B 120 -10.57 5.01 17.85
C HIS B 120 -10.80 5.97 19.03
N SER B 121 -10.68 7.27 18.77
CA SER B 121 -11.09 8.31 19.73
C SER B 121 -10.34 8.20 21.06
N GLY B 122 -9.00 8.04 20.99
CA GLY B 122 -8.14 7.86 22.15
C GLY B 122 -8.08 6.44 22.73
N ASN B 123 -8.93 5.54 22.28
CA ASN B 123 -9.00 4.21 22.89
C ASN B 123 -7.87 3.31 22.40
N THR B 124 -7.40 2.43 23.29
CA THR B 124 -6.26 1.57 22.93
C THR B 124 -6.33 0.15 23.47
N VAL B 125 -7.37 -0.24 24.18
CA VAL B 125 -7.40 -1.55 24.83
C VAL B 125 -8.74 -2.21 24.55
N HIS B 126 -8.68 -3.49 24.22
CA HIS B 126 -9.90 -4.23 23.87
C HIS B 126 -10.83 -4.37 25.08
N ALA B 127 -11.97 -3.70 25.06
CA ALA B 127 -12.98 -3.97 26.09
C ALA B 127 -14.03 -4.92 25.57
N GLY B 128 -13.65 -6.03 24.95
CA GLY B 128 -14.66 -6.75 24.19
C GLY B 128 -14.87 -8.22 24.50
N LYS B 129 -14.55 -9.07 23.54
CA LYS B 129 -14.93 -10.47 23.60
C LYS B 129 -13.69 -11.32 23.67
N ILE B 130 -13.75 -12.36 24.48
CA ILE B 130 -12.69 -13.36 24.60
C ILE B 130 -13.17 -14.61 23.89
N PRO B 131 -12.43 -15.16 22.94
CA PRO B 131 -12.90 -16.38 22.29
C PRO B 131 -13.00 -17.53 23.28
N LYS B 132 -13.86 -18.51 22.95
CA LYS B 132 -14.21 -19.57 23.91
C LYS B 132 -13.03 -20.50 24.17
N ARG B 133 -12.57 -21.20 23.13
CA ARG B 133 -11.57 -22.23 23.31
C ARG B 133 -10.27 -21.65 23.87
N ILE B 134 -9.61 -20.78 23.11
CA ILE B 134 -8.29 -20.32 23.56
C ILE B 134 -8.38 -19.30 24.67
N GLY B 135 -9.57 -18.86 25.04
CA GLY B 135 -9.68 -17.90 26.13
C GLY B 135 -9.21 -18.49 27.45
N GLY B 136 -9.53 -19.76 27.68
CA GLY B 136 -9.10 -20.41 28.91
C GLY B 136 -7.61 -20.68 28.95
N ASN B 137 -7.02 -21.00 27.80
CA ASN B 137 -5.58 -21.19 27.75
C ASN B 137 -4.85 -19.87 27.95
N LEU B 138 -5.51 -18.77 27.70
CA LEU B 138 -4.89 -17.48 27.92
C LEU B 138 -5.04 -17.05 29.37
N HIS B 139 -6.08 -17.54 30.06
CA HIS B 139 -6.17 -17.33 31.50
C HIS B 139 -5.11 -18.14 32.25
N VAL B 140 -4.81 -19.35 31.77
CA VAL B 140 -3.77 -20.16 32.38
C VAL B 140 -2.41 -19.48 32.28
N ARG B 141 -2.09 -18.90 31.12
CA ARG B 141 -0.83 -18.18 30.98
C ARG B 141 -0.79 -16.95 31.88
N ARG B 142 -1.93 -16.36 32.19
CA ARG B 142 -1.97 -15.31 33.20
C ARG B 142 -1.64 -15.86 34.59
N GLN B 143 -2.28 -16.96 35.00
CA GLN B 143 -1.92 -17.59 36.27
C GLN B 143 -0.42 -17.86 36.31
N ILE B 144 0.10 -18.52 35.26
CA ILE B 144 1.52 -18.85 35.19
C ILE B 144 2.36 -17.64 35.53
N ASP B 145 2.04 -16.50 34.92
CA ASP B 145 2.94 -15.36 35.00
C ASP B 145 2.82 -14.62 36.33
N MET B 146 1.61 -14.53 36.85
CA MET B 146 1.47 -14.13 38.24
C MET B 146 2.28 -15.05 39.14
N LEU B 147 2.16 -16.37 38.95
CA LEU B 147 2.88 -17.33 39.76
C LEU B 147 4.39 -17.17 39.60
N LYS B 148 4.85 -16.85 38.38
CA LYS B 148 6.27 -16.61 38.13
C LYS B 148 6.79 -15.43 38.92
N LYS B 149 5.92 -14.48 39.25
CA LYS B 149 6.30 -13.33 40.04
C LYS B 149 6.29 -13.64 41.53
N GLU B 150 5.29 -14.39 42.00
CA GLU B 150 5.31 -14.81 43.41
C GLU B 150 6.59 -15.57 43.70
N LEU B 151 7.06 -16.37 42.73
CA LEU B 151 8.30 -17.10 42.92
C LEU B 151 9.46 -16.14 43.11
N GLU B 152 9.48 -15.05 42.35
CA GLU B 152 10.62 -14.14 42.36
C GLU B 152 10.74 -13.42 43.70
N SER B 153 9.66 -12.84 44.20
CA SER B 153 9.67 -12.29 45.55
C SER B 153 10.16 -13.32 46.54
N LEU B 154 9.59 -14.52 46.48
CA LEU B 154 9.94 -15.54 47.45
C LEU B 154 11.43 -15.88 47.36
N ILE B 155 12.06 -15.65 46.22
CA ILE B 155 13.49 -15.92 46.08
C ILE B 155 14.31 -14.76 46.59
N HIS B 156 13.82 -13.55 46.41
CA HIS B 156 14.47 -12.38 46.99
C HIS B 156 14.22 -12.34 48.49
N GLN B 157 12.99 -12.65 48.92
CA GLN B 157 12.79 -13.17 50.26
C GLN B 157 13.48 -14.51 50.37
N GLU B 158 13.42 -15.16 51.51
CA GLU B 158 14.08 -16.44 51.51
C GLU B 158 13.16 -17.51 52.07
N GLU B 159 11.91 -17.52 51.59
CA GLU B 159 10.98 -18.59 51.89
C GLU B 159 11.09 -19.56 50.72
N PHE B 160 12.12 -20.41 50.81
CA PHE B 160 12.47 -21.29 49.70
C PHE B 160 11.63 -22.54 49.68
N GLU B 161 11.12 -22.99 50.83
CA GLU B 161 10.17 -24.10 50.78
C GLU B 161 8.97 -23.72 49.93
N ASN B 162 8.58 -22.45 49.94
CA ASN B 162 7.42 -21.96 49.18
C ASN B 162 7.77 -21.67 47.72
N ALA B 163 9.01 -21.32 47.43
CA ALA B 163 9.41 -21.20 46.03
C ALA B 163 9.44 -22.56 45.35
N ALA B 164 9.80 -23.61 46.10
CA ALA B 164 9.65 -24.98 45.63
C ALA B 164 8.21 -25.26 45.25
N HIS B 165 7.27 -24.70 46.01
CA HIS B 165 5.86 -24.92 45.73
C HIS B 165 5.45 -24.26 44.43
N VAL B 166 5.92 -23.03 44.21
CA VAL B 166 5.54 -22.31 43.01
C VAL B 166 6.19 -22.91 41.77
N ARG B 167 7.47 -23.29 41.86
CA ARG B 167 8.13 -23.99 40.76
C ARG B 167 7.22 -25.12 40.29
N ASP B 168 6.74 -25.94 41.22
CA ASP B 168 5.91 -27.08 40.84
C ASP B 168 4.51 -26.65 40.43
N GLN B 169 3.97 -25.57 41.00
CA GLN B 169 2.68 -25.06 40.53
C GLN B 169 2.76 -24.59 39.09
N ILE B 170 3.88 -24.00 38.69
CA ILE B 170 4.02 -23.52 37.33
C ILE B 170 4.15 -24.68 36.37
N ARG B 171 5.03 -25.64 36.68
CA ARG B 171 5.08 -26.89 35.92
C ARG B 171 3.69 -27.47 35.72
N LEU B 172 2.87 -27.46 36.78
CA LEU B 172 1.51 -27.97 36.69
C LEU B 172 0.74 -27.28 35.58
N LEU B 173 0.80 -25.96 35.54
CA LEU B 173 -0.04 -25.20 34.62
C LEU B 173 0.45 -25.33 33.19
N GLU B 174 1.75 -25.55 33.00
CA GLU B 174 2.24 -25.74 31.64
C GLU B 174 1.98 -27.15 31.14
N GLN B 175 2.04 -28.14 32.04
CA GLN B 175 1.69 -29.50 31.62
C GLN B 175 0.23 -29.58 31.22
N SER B 176 -0.63 -28.74 31.82
CA SER B 176 -2.03 -28.75 31.40
C SER B 176 -2.20 -28.21 30.00
N LEU B 177 -1.29 -27.32 29.58
CA LEU B 177 -1.32 -26.83 28.20
C LEU B 177 -0.90 -27.92 27.22
N LYS B 178 -0.03 -28.82 27.66
CA LYS B 178 0.48 -29.91 26.83
C LYS B 178 -0.50 -31.10 26.73
N LYS C 3 16.86 33.48 -8.85
CA LYS C 3 17.29 34.01 -10.15
C LYS C 3 16.88 33.07 -11.30
N GLY C 4 17.77 32.84 -12.30
CA GLY C 4 17.46 32.02 -13.46
C GLY C 4 16.79 32.78 -14.59
N PRO C 5 16.56 32.10 -15.72
CA PRO C 5 16.06 32.80 -16.94
C PRO C 5 14.84 33.67 -16.75
N GLU C 6 13.80 33.15 -16.10
CA GLU C 6 12.60 33.92 -15.81
C GLU C 6 12.32 33.87 -14.32
N SER C 7 13.27 34.37 -13.52
CA SER C 7 13.01 34.59 -12.12
C SER C 7 11.70 35.34 -11.92
N ASP C 8 11.27 36.08 -12.94
CA ASP C 8 10.01 36.84 -12.89
C ASP C 8 8.82 35.89 -12.72
N ILE C 9 8.79 34.80 -13.50
CA ILE C 9 7.60 33.97 -13.67
C ILE C 9 7.79 32.56 -13.10
N VAL C 10 8.90 31.92 -13.45
CA VAL C 10 9.15 30.53 -13.11
C VAL C 10 9.98 30.50 -11.83
N LEU C 11 9.39 29.98 -10.76
CA LEU C 11 10.12 29.99 -9.49
C LEU C 11 11.23 28.96 -9.52
N SER C 12 10.99 27.81 -10.17
CA SER C 12 11.93 26.70 -10.17
C SER C 12 11.55 25.71 -11.26
N SER C 13 12.55 24.92 -11.67
CA SER C 13 12.40 23.79 -12.59
C SER C 13 12.92 22.53 -11.92
N ARG C 14 12.12 21.46 -11.94
CA ARG C 14 12.51 20.24 -11.27
C ARG C 14 12.51 19.05 -12.22
N ILE C 15 13.49 18.19 -12.02
CA ILE C 15 13.65 16.94 -12.73
C ILE C 15 13.88 15.87 -11.68
N ARG C 16 13.20 14.74 -11.85
CA ARG C 16 13.29 13.66 -10.87
C ARG C 16 13.41 12.34 -11.62
N LEU C 17 14.47 11.60 -11.32
CA LEU C 17 14.71 10.30 -11.93
C LEU C 17 14.61 9.22 -10.86
N ALA C 18 13.65 8.31 -11.00
CA ALA C 18 13.44 7.21 -10.06
C ALA C 18 14.19 5.99 -10.55
N ARG C 19 14.87 5.30 -9.63
CA ARG C 19 15.77 4.20 -9.98
C ARG C 19 15.86 3.19 -8.84
N ASN C 20 16.00 1.92 -9.18
CA ASN C 20 16.08 0.87 -8.17
C ASN C 20 17.23 -0.10 -8.49
N PHE C 21 17.79 -0.70 -7.46
CA PHE C 21 18.79 -1.72 -7.68
C PHE C 21 18.14 -2.92 -8.37
N GLU C 22 18.82 -3.44 -9.38
CA GLU C 22 18.33 -4.67 -10.02
C GLU C 22 18.23 -5.82 -9.02
N HIS C 23 19.27 -6.03 -8.23
CA HIS C 23 19.44 -7.26 -7.45
C HIS C 23 18.90 -7.16 -6.03
N ILE C 24 18.50 -6.01 -5.60
CA ILE C 24 17.87 -5.85 -4.30
C ILE C 24 16.37 -5.61 -4.47
N ARG C 25 15.61 -6.09 -3.50
CA ARG C 25 14.17 -5.91 -3.59
C ARG C 25 13.85 -4.43 -3.42
N PHE C 26 12.70 -4.02 -3.96
CA PHE C 26 12.29 -2.62 -3.85
C PHE C 26 11.90 -2.30 -2.41
N PRO C 27 11.78 -1.01 -2.07
CA PRO C 27 11.57 -0.65 -0.66
C PRO C 27 10.31 -1.22 -0.03
N THR C 28 9.44 -1.79 -0.88
CA THR C 28 8.22 -2.43 -0.44
C THR C 28 8.49 -3.74 0.29
N ARG C 29 9.51 -4.50 -0.13
CA ARG C 29 9.83 -5.79 0.45
C ARG C 29 11.26 -5.98 0.94
N TYR C 30 12.14 -5.00 0.81
CA TYR C 30 13.51 -5.26 1.21
C TYR C 30 13.64 -5.24 2.74
N SER C 31 14.74 -5.83 3.22
CA SER C 31 15.06 -5.99 4.63
C SER C 31 15.86 -4.80 5.14
N ASN C 32 15.93 -4.68 6.46
CA ASN C 32 16.67 -3.57 7.05
C ASN C 32 18.14 -3.65 6.67
N GLU C 33 18.73 -4.84 6.73
CA GLU C 33 20.11 -5.02 6.33
C GLU C 33 20.31 -4.64 4.87
N GLU C 34 19.36 -5.00 4.01
CA GLU C 34 19.47 -4.61 2.60
C GLU C 34 19.50 -3.09 2.47
N ALA C 35 18.63 -2.40 3.22
CA ALA C 35 18.58 -0.95 3.18
C ALA C 35 19.91 -0.34 3.63
N SER C 36 20.44 -0.82 4.75
CA SER C 36 21.72 -0.36 5.29
C SER C 36 22.81 -0.41 4.23
N SER C 37 22.92 -1.57 3.56
CA SER C 37 24.00 -1.73 2.58
C SER C 37 23.83 -0.77 1.42
N ILE C 38 22.60 -0.49 1.02
CA ILE C 38 22.39 0.54 0.01
C ILE C 38 22.93 1.87 0.47
N ILE C 39 22.54 2.31 1.68
CA ILE C 39 22.99 3.63 2.08
C ILE C 39 24.49 3.61 2.37
N GLN C 40 25.00 2.49 2.89
CA GLN C 40 26.45 2.41 3.08
C GLN C 40 27.19 2.49 1.75
N GLN C 41 26.68 1.83 0.70
CA GLN C 41 27.33 1.94 -0.61
C GLN C 41 27.47 3.37 -1.07
N PHE C 42 26.45 4.22 -0.83
CA PHE C 42 26.59 5.61 -1.28
C PHE C 42 27.61 6.35 -0.42
N GLU C 43 27.65 6.07 0.88
CA GLU C 43 28.72 6.60 1.70
C GLU C 43 30.08 6.19 1.14
N ASP C 44 30.23 4.95 0.68
CA ASP C 44 31.53 4.46 0.25
C ASP C 44 32.02 5.18 -1.01
N GLN C 45 31.25 5.16 -2.07
CA GLN C 45 31.78 5.59 -3.34
C GLN C 45 31.22 6.91 -3.85
N PHE C 46 30.42 7.63 -3.06
CA PHE C 46 29.91 8.91 -3.52
C PHE C 46 30.03 10.03 -2.51
N SER C 47 30.34 9.73 -1.24
CA SER C 47 30.13 10.69 -0.17
C SER C 47 31.05 11.90 -0.24
N GLU C 48 32.26 11.81 -0.76
CA GLU C 48 33.03 13.04 -0.86
C GLU C 48 33.59 13.26 -2.26
N GLN C 49 33.09 12.50 -3.24
CA GLN C 49 33.44 12.61 -4.65
C GLN C 49 32.78 13.82 -5.28
N GLU C 50 33.18 14.08 -6.52
CA GLU C 50 32.86 15.32 -7.20
C GLU C 50 32.77 15.05 -8.69
N ILE C 51 31.62 15.33 -9.27
CA ILE C 51 31.46 15.32 -10.72
C ILE C 51 31.61 16.78 -11.21
N PRO C 52 32.43 17.02 -12.22
CA PRO C 52 32.77 18.40 -12.57
C PRO C 52 31.58 19.15 -13.15
N GLY C 53 31.53 20.44 -12.84
CA GLY C 53 30.42 21.29 -13.19
C GLY C 53 29.32 21.32 -12.15
N ILE C 54 29.21 20.30 -11.31
CA ILE C 54 28.04 20.09 -10.48
C ILE C 54 28.36 20.29 -9.00
N GLY C 55 29.43 19.67 -8.54
CA GLY C 55 29.96 19.98 -7.25
C GLY C 55 30.41 18.73 -6.55
N LYS C 56 30.53 18.87 -5.23
CA LYS C 56 30.91 17.80 -4.34
C LYS C 56 29.65 17.35 -3.61
N PHE C 57 29.34 16.08 -3.68
CA PHE C 57 28.24 15.49 -2.95
C PHE C 57 28.69 15.06 -1.56
N VAL C 58 27.90 15.42 -0.55
CA VAL C 58 28.06 14.88 0.80
C VAL C 58 26.80 14.12 1.17
N LEU C 59 26.99 12.94 1.75
CA LEU C 59 25.87 12.10 2.13
C LEU C 59 25.40 12.47 3.53
N ILE C 60 24.12 12.78 3.64
CA ILE C 60 23.46 13.02 4.92
C ILE C 60 22.67 11.77 5.28
N ARG C 61 23.13 11.01 6.26
CA ARG C 61 22.35 9.89 6.79
C ARG C 61 21.29 10.44 7.74
N MET C 62 20.03 10.01 7.59
CA MET C 62 18.95 10.45 8.48
C MET C 62 19.18 10.03 9.92
N ASN C 63 19.65 8.79 10.13
CA ASN C 63 19.99 8.33 11.48
C ASN C 63 20.88 9.33 12.20
N ASP C 64 21.76 10.00 11.47
CA ASP C 64 22.69 10.94 12.09
C ASP C 64 22.15 12.35 12.14
N ALA C 65 20.99 12.62 11.58
CA ALA C 65 20.58 13.98 11.28
C ALA C 65 19.76 14.55 12.43
N GLN C 66 20.04 15.80 12.75
CA GLN C 66 19.28 16.46 13.78
C GLN C 66 17.83 16.69 13.30
N PRO C 67 16.80 16.58 14.19
CA PRO C 67 15.41 16.77 13.72
C PRO C 67 15.12 18.11 13.09
N LEU C 68 15.75 19.20 13.54
CA LEU C 68 15.58 20.47 12.85
C LEU C 68 16.31 20.47 11.51
N GLU C 69 17.49 19.83 11.45
CA GLU C 69 18.18 19.71 10.18
C GLU C 69 17.30 19.00 9.15
N LYS C 70 16.57 17.96 9.57
CA LYS C 70 15.63 17.30 8.65
C LYS C 70 14.49 18.24 8.25
N ARG C 71 13.98 19.05 9.19
CA ARG C 71 12.94 20.03 8.88
C ARG C 71 13.36 20.93 7.73
N VAL C 72 14.62 21.42 7.79
CA VAL C 72 15.15 22.23 6.69
C VAL C 72 15.20 21.42 5.40
N LEU C 73 15.62 20.15 5.48
CA LEU C 73 15.67 19.34 4.27
C LEU C 73 14.29 19.22 3.63
N VAL C 74 13.24 19.18 4.45
CA VAL C 74 11.88 19.05 3.91
C VAL C 74 11.46 20.31 3.20
N GLU C 75 11.73 21.47 3.80
CA GLU C 75 11.30 22.73 3.21
C GLU C 75 12.07 23.06 1.94
N LYS C 76 13.29 22.58 1.82
CA LYS C 76 14.02 22.74 0.57
C LYS C 76 13.68 21.67 -0.45
N HIS C 77 12.71 20.78 -0.17
CA HIS C 77 12.32 19.69 -1.04
C HIS C 77 13.45 18.72 -1.31
N LEU C 78 14.53 18.81 -0.52
CA LEU C 78 15.66 17.91 -0.73
C LEU C 78 15.26 16.50 -0.43
N ILE C 79 14.36 16.33 0.53
CA ILE C 79 13.82 15.06 0.94
C ILE C 79 12.34 15.29 1.15
N SER C 80 11.61 14.20 1.30
CA SER C 80 10.17 14.22 1.54
C SER C 80 9.88 13.82 2.98
N PRO C 81 8.73 14.21 3.53
CA PRO C 81 8.43 13.92 4.95
C PRO C 81 8.48 12.45 5.33
N ASN C 82 8.00 11.56 4.45
CA ASN C 82 8.02 10.13 4.72
C ASN C 82 9.41 9.72 5.21
N LEU C 83 10.43 10.33 4.64
CA LEU C 83 11.80 9.92 4.89
C LEU C 83 12.29 10.32 6.29
N THR C 84 11.63 11.25 7.00
CA THR C 84 12.28 11.88 8.17
C THR C 84 12.55 10.89 9.29
N GLU C 85 11.61 9.98 9.57
CA GLU C 85 11.92 8.93 10.51
C GLU C 85 12.15 7.60 9.79
N SER C 86 12.54 7.64 8.51
CA SER C 86 13.09 6.47 7.80
C SER C 86 14.45 6.08 8.36
N PRO C 87 14.62 4.87 8.88
CA PRO C 87 15.84 4.60 9.64
C PRO C 87 17.08 4.52 8.76
N PHE C 88 16.92 4.20 7.48
CA PHE C 88 18.07 4.09 6.59
C PHE C 88 17.94 4.99 5.38
N GLY C 89 17.10 6.01 5.46
CA GLY C 89 17.07 7.01 4.44
C GLY C 89 18.25 7.95 4.53
N GLY C 90 18.53 8.58 3.40
CA GLY C 90 19.62 9.53 3.35
C GLY C 90 19.48 10.38 2.11
N CYS C 91 20.37 11.36 2.01
CA CYS C 91 20.29 12.33 0.93
C CYS C 91 21.70 12.72 0.54
N LEU C 92 22.06 12.48 -0.72
CA LEU C 92 23.35 12.87 -1.28
C LEU C 92 23.27 14.30 -1.79
N LEU C 93 23.84 15.27 -1.06
CA LEU C 93 23.71 16.67 -1.43
C LEU C 93 24.97 17.22 -2.04
N SER C 94 24.84 17.88 -3.19
CA SER C 94 25.95 18.67 -3.71
C SER C 94 26.05 19.95 -2.89
N GLU C 95 27.28 20.44 -2.71
CA GLU C 95 27.47 21.57 -1.81
C GLU C 95 26.59 22.73 -2.24
N ASN C 96 26.51 22.94 -3.55
CA ASN C 96 25.60 23.87 -4.18
C ASN C 96 24.14 23.68 -3.74
N GLU C 97 23.79 22.49 -3.25
CA GLU C 97 22.39 22.02 -3.18
C GLU C 97 21.95 21.90 -4.64
N GLU C 98 20.65 22.03 -4.91
CA GLU C 98 20.19 22.03 -6.31
C GLU C 98 20.24 20.66 -6.96
N VAL C 99 21.28 19.87 -6.71
CA VAL C 99 21.31 18.49 -7.18
C VAL C 99 21.52 17.56 -5.98
N SER C 100 20.59 16.64 -5.81
CA SER C 100 20.49 15.79 -4.64
C SER C 100 19.98 14.43 -5.07
N VAL C 101 20.36 13.41 -4.32
CA VAL C 101 19.92 12.04 -4.60
C VAL C 101 19.35 11.46 -3.31
N MET C 102 18.04 11.32 -3.27
CA MET C 102 17.37 10.78 -2.10
C MET C 102 17.45 9.26 -2.15
N LEU C 103 17.76 8.64 -1.00
CA LEU C 103 17.94 7.20 -0.93
C LEU C 103 16.94 6.58 0.04
N ASN C 104 16.28 5.48 -0.40
CA ASN C 104 15.52 4.53 0.46
C ASN C 104 14.18 5.10 0.92
N GLU C 105 13.52 5.87 0.06
CA GLU C 105 12.12 6.22 0.22
C GLU C 105 11.30 5.30 -0.68
N GLU C 106 10.42 5.79 -1.56
CA GLU C 106 9.62 4.90 -2.40
C GLU C 106 10.49 4.02 -3.27
N ASP C 107 11.52 4.60 -3.87
CA ASP C 107 12.49 3.83 -4.60
C ASP C 107 13.82 3.95 -3.87
N HIS C 108 14.77 3.09 -4.25
CA HIS C 108 16.09 3.21 -3.66
C HIS C 108 16.69 4.57 -3.96
N ILE C 109 16.36 5.16 -5.10
CA ILE C 109 17.10 6.30 -5.65
C ILE C 109 16.12 7.23 -6.36
N ARG C 110 16.19 8.51 -6.03
CA ARG C 110 15.35 9.55 -6.60
C ARG C 110 16.32 10.68 -6.86
N ILE C 111 16.94 10.69 -8.04
CA ILE C 111 17.79 11.79 -8.42
C ILE C 111 16.94 13.03 -8.61
N GLN C 112 17.36 14.14 -8.02
CA GLN C 112 16.59 15.38 -8.14
C GLN C 112 17.50 16.52 -8.55
N CYS C 113 17.02 17.33 -9.47
CA CYS C 113 17.67 18.61 -9.79
C CYS C 113 16.63 19.70 -9.71
N LEU C 114 16.74 20.54 -8.67
CA LEU C 114 15.89 21.71 -8.48
C LEU C 114 16.74 22.95 -8.73
N PHE C 115 16.51 23.63 -9.93
CA PHE C 115 17.19 24.81 -10.43
C PHE C 115 16.28 26.04 -10.31
N PRO C 116 16.88 27.22 -10.19
CA PRO C 116 16.08 28.43 -9.93
C PRO C 116 15.16 28.83 -11.08
N GLY C 117 15.67 28.97 -12.29
CA GLY C 117 14.94 29.65 -13.35
C GLY C 117 13.94 28.81 -14.10
N PHE C 118 13.71 29.22 -15.35
CA PHE C 118 13.01 28.40 -16.31
C PHE C 118 14.06 27.67 -17.15
N GLN C 119 14.67 26.67 -16.53
CA GLN C 119 15.83 26.00 -17.10
C GLN C 119 15.71 24.47 -16.97
N LEU C 120 14.67 23.92 -17.60
CA LEU C 120 14.41 22.48 -17.57
C LEU C 120 15.54 21.67 -18.21
N LEU C 121 16.06 22.13 -19.34
CA LEU C 121 16.96 21.26 -20.10
C LEU C 121 18.30 21.13 -19.41
N GLU C 122 18.75 22.17 -18.72
CA GLU C 122 19.97 22.05 -17.95
C GLU C 122 19.77 21.17 -16.73
N ALA C 123 18.60 21.29 -16.08
CA ALA C 123 18.23 20.28 -15.09
C ALA C 123 18.29 18.88 -15.67
N MET C 124 17.74 18.68 -16.87
CA MET C 124 17.72 17.34 -17.44
C MET C 124 19.13 16.85 -17.77
N LYS C 125 19.92 17.68 -18.48
CA LYS C 125 21.33 17.35 -18.67
C LYS C 125 21.95 16.89 -17.35
N ALA C 126 21.75 17.66 -16.28
CA ALA C 126 22.45 17.39 -15.03
C ALA C 126 21.99 16.09 -14.39
N ALA C 127 20.67 15.85 -14.37
CA ALA C 127 20.18 14.59 -13.81
C ALA C 127 20.82 13.42 -14.52
N ASN C 128 20.92 13.49 -15.85
CA ASN C 128 21.51 12.38 -16.58
C ASN C 128 23.00 12.27 -16.30
N GLN C 129 23.67 13.39 -16.00
CA GLN C 129 25.03 13.31 -15.50
C GLN C 129 25.07 12.46 -14.23
N VAL C 130 24.30 12.88 -13.21
CA VAL C 130 24.24 12.12 -11.97
C VAL C 130 23.81 10.68 -12.23
N ASP C 131 22.80 10.50 -13.10
CA ASP C 131 22.31 9.17 -13.44
C ASP C 131 23.44 8.26 -13.91
N ASP C 132 24.15 8.67 -14.97
CA ASP C 132 25.25 7.87 -15.50
C ASP C 132 26.31 7.64 -14.43
N TRP C 133 26.55 8.64 -13.58
CA TRP C 133 27.52 8.52 -12.51
C TRP C 133 27.17 7.36 -11.58
N ILE C 134 26.03 7.46 -10.94
CA ILE C 134 25.56 6.38 -10.07
C ILE C 134 25.59 5.06 -10.80
N GLU C 135 25.19 5.09 -12.08
CA GLU C 135 24.96 3.86 -12.84
C GLU C 135 26.24 3.11 -13.15
N GLU C 136 27.40 3.73 -13.03
CA GLU C 136 28.60 2.98 -13.37
C GLU C 136 29.04 2.11 -12.22
N LYS C 137 28.57 2.40 -11.02
CA LYS C 137 28.84 1.52 -9.90
C LYS C 137 27.59 0.79 -9.38
N VAL C 138 26.41 1.02 -9.98
CA VAL C 138 25.13 0.43 -9.54
C VAL C 138 24.37 -0.16 -10.74
N ASP C 139 24.06 -1.46 -10.67
CA ASP C 139 23.29 -2.17 -11.70
C ASP C 139 21.83 -1.78 -11.62
N TYR C 140 21.32 -1.02 -12.58
CA TYR C 140 19.96 -0.52 -12.44
C TYR C 140 18.94 -1.61 -12.74
N ALA C 141 17.82 -1.57 -12.01
CA ALA C 141 16.65 -2.41 -12.29
C ALA C 141 16.01 -1.92 -13.57
N PHE C 142 16.35 -2.55 -14.68
CA PHE C 142 15.98 -2.04 -15.99
C PHE C 142 15.66 -3.21 -16.90
N ASN C 143 14.99 -2.88 -18.00
CA ASN C 143 14.36 -3.86 -18.86
C ASN C 143 14.14 -3.22 -20.22
N GLU C 144 14.41 -3.98 -21.29
CA GLU C 144 14.37 -3.37 -22.62
C GLU C 144 12.96 -3.01 -23.05
N GLN C 145 11.94 -3.72 -22.54
CA GLN C 145 10.59 -3.46 -23.01
C GLN C 145 9.85 -2.47 -22.11
N ARG C 146 9.94 -2.64 -20.79
CA ARG C 146 9.22 -1.79 -19.85
C ARG C 146 10.01 -0.57 -19.41
N GLY C 147 11.33 -0.65 -19.50
CA GLY C 147 12.16 0.50 -19.20
C GLY C 147 12.78 0.41 -17.83
N TYR C 148 12.91 1.57 -17.19
CA TYR C 148 13.36 1.63 -15.81
C TYR C 148 12.25 1.12 -14.91
N LEU C 149 12.58 0.21 -14.00
CA LEU C 149 11.57 -0.41 -13.16
C LEU C 149 11.54 0.27 -11.79
N THR C 150 10.33 0.62 -11.37
CA THR C 150 10.04 1.43 -10.19
C THR C 150 8.96 0.77 -9.35
N SER C 151 8.86 1.17 -8.08
CA SER C 151 7.87 0.54 -7.20
C SER C 151 6.44 0.81 -7.66
N CYS C 152 6.11 2.09 -8.04
CA CYS C 152 4.79 2.40 -8.60
C CYS C 152 4.74 2.27 -10.10
N PRO C 153 3.71 1.59 -10.61
CA PRO C 153 3.44 1.64 -12.06
C PRO C 153 3.43 3.04 -12.64
N THR C 154 3.11 4.07 -11.85
CA THR C 154 3.01 5.42 -12.41
C THR C 154 4.37 6.00 -12.81
N ASN C 155 5.46 5.35 -12.41
CA ASN C 155 6.81 5.84 -12.67
C ASN C 155 7.58 4.96 -13.65
N VAL C 156 7.07 3.77 -14.00
CA VAL C 156 7.82 2.87 -14.85
C VAL C 156 8.11 3.51 -16.21
N GLY C 157 9.13 2.98 -16.88
CA GLY C 157 9.53 3.54 -18.16
C GLY C 157 10.70 4.52 -18.07
N THR C 158 10.42 5.81 -18.25
CA THR C 158 11.48 6.81 -18.06
C THR C 158 11.83 6.96 -16.59
N GLY C 159 10.86 6.78 -15.70
CA GLY C 159 11.11 7.13 -14.32
C GLY C 159 11.37 8.60 -14.12
N LEU C 160 10.95 9.42 -15.06
CA LEU C 160 11.22 10.84 -15.03
C LEU C 160 9.95 11.58 -14.67
N ARG C 161 10.05 12.48 -13.70
CA ARG C 161 8.94 13.38 -13.41
C ARG C 161 9.51 14.78 -13.50
N ALA C 162 8.95 15.58 -14.42
CA ALA C 162 9.47 16.90 -14.79
C ALA C 162 8.45 17.96 -14.40
N SER C 163 8.85 18.89 -13.56
CA SER C 163 7.91 19.84 -13.00
C SER C 163 8.40 21.25 -13.26
N VAL C 164 7.48 22.18 -13.41
CA VAL C 164 7.82 23.58 -13.46
C VAL C 164 6.87 24.33 -12.54
N MET C 165 7.42 25.26 -11.78
CA MET C 165 6.69 26.06 -10.78
C MET C 165 6.53 27.46 -11.34
N MET C 166 5.28 27.91 -11.47
CA MET C 166 5.00 29.18 -12.13
C MET C 166 4.08 30.05 -11.32
N HIS C 167 4.48 31.33 -11.17
CA HIS C 167 3.67 32.34 -10.51
C HIS C 167 2.91 33.09 -11.61
N LEU C 168 1.58 33.10 -11.54
CA LEU C 168 0.77 33.61 -12.66
C LEU C 168 -0.40 34.44 -12.15
N PRO C 169 -0.12 35.60 -11.55
CA PRO C 169 -1.22 36.46 -11.08
C PRO C 169 -2.16 36.91 -12.19
N ALA C 170 -1.63 37.48 -13.28
CA ALA C 170 -2.53 38.12 -14.25
C ALA C 170 -3.38 37.10 -14.97
N LEU C 171 -2.86 35.91 -15.18
CA LEU C 171 -3.70 34.86 -15.75
C LEU C 171 -4.86 34.53 -14.83
N VAL C 172 -4.67 34.62 -13.51
CA VAL C 172 -5.80 34.45 -12.58
C VAL C 172 -6.68 35.69 -12.58
N LEU C 173 -6.08 36.87 -12.54
CA LEU C 173 -6.83 38.10 -12.43
C LEU C 173 -7.76 38.29 -13.61
N THR C 174 -7.27 38.01 -14.82
CA THR C 174 -8.04 38.15 -16.03
C THR C 174 -8.93 36.93 -16.32
N ARG C 175 -9.08 36.01 -15.36
CA ARG C 175 -9.90 34.81 -15.52
C ARG C 175 -9.47 33.97 -16.74
N GLN C 176 -8.27 34.20 -17.27
CA GLN C 176 -7.71 33.30 -18.27
C GLN C 176 -7.45 31.91 -17.70
N ILE C 177 -7.20 31.81 -16.39
CA ILE C 177 -6.77 30.55 -15.78
C ILE C 177 -7.84 29.46 -15.91
N ASN C 178 -9.12 29.85 -15.97
CA ASN C 178 -10.16 28.83 -16.07
C ASN C 178 -10.05 28.02 -17.35
N ARG C 179 -9.70 28.67 -18.48
CA ARG C 179 -9.63 27.92 -19.73
C ARG C 179 -8.27 27.23 -19.92
N ILE C 180 -7.21 27.79 -19.34
CA ILE C 180 -5.87 27.27 -19.58
C ILE C 180 -5.68 25.90 -18.93
N ILE C 181 -6.21 25.72 -17.73
CA ILE C 181 -5.99 24.50 -16.95
C ILE C 181 -6.57 23.31 -17.72
N PRO C 182 -7.85 23.31 -18.12
CA PRO C 182 -8.36 22.16 -18.88
C PRO C 182 -7.54 21.86 -20.12
N ALA C 183 -7.00 22.88 -20.80
CA ALA C 183 -6.22 22.59 -22.00
C ALA C 183 -4.88 21.95 -21.65
N ILE C 184 -4.25 22.39 -20.56
CA ILE C 184 -3.06 21.70 -20.07
C ILE C 184 -3.34 20.22 -19.89
N ASN C 185 -4.43 19.89 -19.20
CA ASN C 185 -4.70 18.50 -18.90
C ASN C 185 -4.84 17.66 -20.17
N GLN C 186 -5.36 18.25 -21.24
CA GLN C 186 -5.56 17.46 -22.46
C GLN C 186 -4.26 17.24 -23.21
N LEU C 187 -3.26 18.08 -23.01
CA LEU C 187 -1.95 17.84 -23.59
C LEU C 187 -1.10 16.84 -22.79
N GLY C 188 -1.65 16.05 -21.88
CA GLY C 188 -0.81 15.10 -21.18
C GLY C 188 0.13 15.70 -20.15
N LEU C 189 -0.21 16.88 -19.63
CA LEU C 189 0.46 17.53 -18.53
C LEU C 189 -0.49 17.67 -17.35
N VAL C 190 0.04 17.84 -16.15
CA VAL C 190 -0.84 17.91 -15.00
C VAL C 190 -0.52 19.16 -14.17
N VAL C 191 -1.56 19.93 -13.82
CA VAL C 191 -1.42 21.11 -13.00
C VAL C 191 -1.88 20.77 -11.59
N ARG C 192 -1.31 21.46 -10.60
CA ARG C 192 -1.79 21.38 -9.23
C ARG C 192 -1.23 22.54 -8.44
N GLY C 193 -1.92 23.66 -8.44
CA GLY C 193 -1.49 24.76 -7.59
C GLY C 193 -2.15 24.72 -6.22
N GLY C 203 -0.92 32.09 -3.46
CA GLY C 203 -2.13 31.46 -3.94
C GLY C 203 -2.28 31.50 -5.46
N ASN C 204 -1.26 32.04 -6.15
CA ASN C 204 -1.24 32.11 -7.61
C ASN C 204 -0.18 31.20 -8.21
N ILE C 205 0.27 30.22 -7.45
CA ILE C 205 1.35 29.33 -7.86
C ILE C 205 0.76 28.05 -8.42
N PHE C 206 1.21 27.65 -9.61
CA PHE C 206 0.81 26.40 -10.23
C PHE C 206 2.04 25.58 -10.60
N GLN C 207 1.96 24.28 -10.40
CA GLN C 207 3.04 23.36 -10.75
C GLN C 207 2.59 22.44 -11.87
N ILE C 208 3.39 22.36 -12.93
CA ILE C 208 3.01 21.63 -14.14
C ILE C 208 3.98 20.46 -14.34
N SER C 209 3.43 19.25 -14.50
CA SER C 209 4.19 18.00 -14.60
C SER C 209 3.68 17.14 -15.75
N ASN C 210 4.52 16.21 -16.21
CA ASN C 210 4.06 15.24 -17.19
C ASN C 210 3.13 14.25 -16.52
N GLN C 211 2.06 13.88 -17.24
CA GLN C 211 1.17 12.86 -16.73
C GLN C 211 1.82 11.49 -16.78
N ILE C 212 2.34 11.10 -17.95
CA ILE C 212 2.77 9.74 -18.18
C ILE C 212 4.29 9.68 -18.22
N THR C 213 4.81 8.46 -18.08
CA THR C 213 6.26 8.23 -18.03
C THR C 213 6.73 7.04 -18.85
N LEU C 214 5.85 6.39 -19.59
CA LEU C 214 6.21 5.17 -20.32
C LEU C 214 6.38 5.38 -21.82
N GLY C 215 5.35 5.86 -22.51
CA GLY C 215 5.38 5.90 -23.96
C GLY C 215 6.52 6.69 -24.60
N LYS C 216 6.97 7.76 -23.95
CA LYS C 216 7.75 8.82 -24.57
C LYS C 216 9.23 8.67 -24.22
N SER C 217 10.04 9.56 -24.80
CA SER C 217 11.42 9.75 -24.39
C SER C 217 11.51 10.94 -23.46
N GLU C 218 12.55 10.94 -22.62
CA GLU C 218 12.80 12.06 -21.71
C GLU C 218 12.88 13.37 -22.49
N GLN C 219 13.54 13.35 -23.65
CA GLN C 219 13.65 14.57 -24.41
C GLN C 219 12.29 15.09 -24.80
N ASP C 220 11.44 14.21 -25.31
CA ASP C 220 10.13 14.71 -25.73
C ASP C 220 9.25 15.02 -24.51
N ILE C 221 9.37 14.26 -23.42
CA ILE C 221 8.68 14.66 -22.20
C ILE C 221 9.10 16.07 -21.81
N VAL C 222 10.40 16.31 -21.72
CA VAL C 222 10.86 17.62 -21.31
C VAL C 222 10.54 18.67 -22.36
N GLU C 223 10.76 18.37 -23.66
CA GLU C 223 10.41 19.33 -24.69
C GLU C 223 8.94 19.72 -24.58
N ASP C 224 8.05 18.73 -24.43
CA ASP C 224 6.63 19.03 -24.42
C ASP C 224 6.30 19.97 -23.27
N LEU C 225 6.83 19.66 -22.08
CA LEU C 225 6.59 20.50 -20.93
C LEU C 225 7.21 21.87 -21.13
N ASN C 226 8.46 21.88 -21.58
CA ASN C 226 9.13 23.15 -21.83
C ASN C 226 8.33 23.99 -22.80
N SER C 227 7.78 23.35 -23.83
CA SER C 227 7.04 24.10 -24.84
C SER C 227 5.79 24.75 -24.23
N VAL C 228 5.02 23.96 -23.47
CA VAL C 228 3.80 24.47 -22.85
C VAL C 228 4.13 25.59 -21.86
N ALA C 229 5.13 25.37 -21.02
CA ALA C 229 5.49 26.41 -20.05
C ALA C 229 5.89 27.70 -20.74
N ALA C 230 6.68 27.60 -21.81
CA ALA C 230 7.09 28.81 -22.52
C ALA C 230 5.88 29.55 -23.08
N GLN C 231 4.86 28.82 -23.51
CA GLN C 231 3.66 29.51 -23.98
C GLN C 231 2.97 30.28 -22.87
N LEU C 232 2.90 29.71 -21.66
CA LEU C 232 2.28 30.42 -20.54
C LEU C 232 3.07 31.66 -20.15
N ILE C 233 4.40 31.59 -20.20
CA ILE C 233 5.22 32.77 -19.97
C ILE C 233 4.76 33.91 -20.87
N GLU C 234 4.62 33.64 -22.17
CA GLU C 234 4.25 34.68 -23.13
C GLU C 234 2.91 35.32 -22.76
N GLN C 235 1.92 34.51 -22.37
CA GLN C 235 0.60 35.04 -22.07
C GLN C 235 0.60 35.84 -20.77
N GLU C 236 1.39 35.42 -19.79
CA GLU C 236 1.44 36.10 -18.52
C GLU C 236 2.08 37.48 -18.68
N ARG C 237 3.21 37.54 -19.39
CA ARG C 237 3.85 38.81 -19.63
C ARG C 237 2.94 39.76 -20.41
N SER C 238 2.17 39.23 -21.37
CA SER C 238 1.25 40.07 -22.14
C SER C 238 0.09 40.58 -21.29
N ALA C 239 -0.45 39.72 -20.42
CA ALA C 239 -1.53 40.17 -19.54
C ALA C 239 -1.02 41.15 -18.49
N ARG C 240 0.26 41.07 -18.13
CA ARG C 240 0.82 41.99 -17.15
C ARG C 240 0.97 43.39 -17.72
N GLU C 241 1.67 43.51 -18.86
CA GLU C 241 1.85 44.80 -19.52
C GLU C 241 0.52 45.55 -19.65
N ALA C 242 -0.54 44.84 -20.05
CA ALA C 242 -1.88 45.43 -20.11
C ALA C 242 -2.31 45.87 -18.71
N GLN D 79 -2.21 -17.39 -14.87
CA GLN D 79 -1.27 -16.92 -13.84
C GLN D 79 -1.12 -17.90 -12.67
N ILE D 80 -1.66 -17.49 -11.50
CA ILE D 80 -1.54 -18.17 -10.20
C ILE D 80 -0.07 -18.38 -9.90
N SER D 81 0.67 -17.29 -9.77
CA SER D 81 2.10 -17.34 -9.52
C SER D 81 2.43 -16.35 -8.41
N ALA D 82 3.63 -16.49 -7.86
CA ALA D 82 4.19 -15.54 -6.91
C ALA D 82 5.61 -15.22 -7.33
N CYS D 83 6.03 -13.97 -7.17
CA CYS D 83 7.39 -13.60 -7.52
C CYS D 83 8.38 -14.50 -6.78
N PRO D 84 9.31 -15.14 -7.48
CA PRO D 84 10.32 -15.97 -6.78
C PRO D 84 11.24 -15.17 -5.87
N LYS D 85 11.39 -13.86 -6.06
CA LYS D 85 12.23 -13.05 -5.18
C LYS D 85 11.42 -12.25 -4.14
N CYS D 86 10.41 -11.48 -4.55
CA CYS D 86 9.61 -10.76 -3.57
C CYS D 86 8.84 -11.73 -2.68
N GLY D 87 8.45 -12.87 -3.26
CA GLY D 87 7.34 -13.66 -2.75
C GLY D 87 5.98 -13.04 -2.99
N MET D 88 5.92 -11.81 -3.50
CA MET D 88 4.64 -11.19 -3.80
C MET D 88 3.83 -12.01 -4.77
N THR D 89 2.54 -12.12 -4.50
CA THR D 89 1.56 -12.70 -5.40
C THR D 89 0.78 -11.59 -6.09
N PHE D 90 0.22 -11.90 -7.26
CA PHE D 90 -0.47 -10.85 -8.01
C PHE D 90 -1.62 -10.22 -7.22
N GLN D 91 -2.34 -11.02 -6.42
CA GLN D 91 -3.46 -10.47 -5.67
C GLN D 91 -2.96 -9.55 -4.58
N GLN D 92 -1.85 -9.92 -3.94
CA GLN D 92 -1.13 -8.97 -3.10
C GLN D 92 -0.81 -7.71 -3.87
N PHE D 93 -0.36 -7.85 -5.12
CA PHE D 93 -0.03 -6.66 -5.88
C PHE D 93 -1.26 -5.80 -6.10
N ARG D 94 -2.39 -6.42 -6.45
CA ARG D 94 -3.60 -5.64 -6.70
C ARG D 94 -4.02 -4.87 -5.45
N LYS D 95 -3.60 -5.33 -4.28
CA LYS D 95 -3.98 -4.68 -3.04
C LYS D 95 -3.09 -3.48 -2.75
N ILE D 96 -1.78 -3.69 -2.85
CA ILE D 96 -0.78 -2.73 -2.39
C ILE D 96 -0.52 -1.67 -3.44
N GLY D 97 -0.61 -2.03 -4.73
CA GLY D 97 -0.33 -1.12 -5.81
C GLY D 97 1.13 -0.85 -6.07
N ARG D 98 2.03 -1.54 -5.36
CA ARG D 98 3.45 -1.30 -5.43
C ARG D 98 4.16 -2.64 -5.61
N PHE D 99 5.16 -2.67 -6.47
CA PHE D 99 5.91 -3.90 -6.73
C PHE D 99 6.94 -4.18 -5.65
N GLY D 100 7.22 -5.47 -5.45
CA GLY D 100 8.20 -5.90 -4.47
C GLY D 100 9.63 -5.87 -4.96
N CYS D 101 9.85 -6.09 -6.26
CA CYS D 101 11.23 -6.18 -6.74
C CYS D 101 11.27 -6.30 -8.26
N SER D 102 12.51 -6.28 -8.77
CA SER D 102 12.77 -6.37 -10.20
C SER D 102 12.02 -7.54 -10.80
N GLU D 103 12.35 -8.74 -10.33
CA GLU D 103 11.74 -10.01 -10.75
C GLU D 103 10.22 -9.97 -10.74
N CYS D 104 9.62 -9.14 -9.91
CA CYS D 104 8.16 -9.13 -9.81
C CYS D 104 7.49 -8.50 -11.05
N TYR D 105 8.28 -7.92 -11.98
CA TYR D 105 7.76 -7.38 -13.25
C TYR D 105 7.67 -8.42 -14.37
N LYS D 106 8.52 -9.46 -14.38
CA LYS D 106 8.29 -10.60 -15.26
C LYS D 106 7.47 -11.71 -14.63
N THR D 107 7.11 -11.59 -13.37
CA THR D 107 6.15 -12.53 -12.83
C THR D 107 4.73 -12.15 -13.18
N PHE D 108 4.43 -10.86 -13.36
CA PHE D 108 3.07 -10.46 -13.67
C PHE D 108 2.96 -9.83 -15.05
N HIS D 109 3.98 -10.02 -15.89
CA HIS D 109 4.05 -9.43 -17.23
C HIS D 109 2.68 -9.24 -17.89
N SER D 110 1.92 -10.32 -18.02
CA SER D 110 0.65 -10.21 -18.74
C SER D 110 -0.33 -9.31 -18.01
N ASN D 111 -0.44 -9.45 -16.69
CA ASN D 111 -1.44 -8.68 -15.93
C ASN D 111 -1.09 -7.20 -15.88
N ILE D 112 0.20 -6.87 -15.85
CA ILE D 112 0.65 -5.50 -15.78
C ILE D 112 0.27 -4.71 -17.04
N THR D 113 0.39 -5.34 -18.21
CA THR D 113 0.16 -4.62 -19.46
C THR D 113 -1.16 -3.85 -19.49
N PRO D 114 -2.29 -4.38 -19.03
CA PRO D 114 -3.49 -3.54 -18.91
C PRO D 114 -3.32 -2.36 -17.96
N ILE D 115 -2.61 -2.52 -16.86
CA ILE D 115 -2.45 -1.43 -15.89
C ILE D 115 -1.63 -0.29 -16.48
N LEU D 116 -0.51 -0.66 -17.11
CA LEU D 116 0.34 0.28 -17.83
C LEU D 116 -0.43 1.02 -18.91
N ARG D 117 -1.28 0.30 -19.66
CA ARG D 117 -2.13 0.97 -20.66
C ARG D 117 -3.01 2.03 -20.02
N LYS D 118 -3.58 1.72 -18.86
CA LYS D 118 -4.53 2.66 -18.27
C LYS D 118 -3.82 3.90 -17.74
N VAL D 119 -2.62 3.71 -17.17
CA VAL D 119 -1.95 4.80 -16.48
C VAL D 119 -1.22 5.70 -17.47
N HIS D 120 -0.62 5.12 -18.51
CA HIS D 120 0.24 5.88 -19.41
C HIS D 120 -0.38 6.12 -20.78
N SER D 121 -1.63 6.61 -20.81
CA SER D 121 -2.26 7.04 -22.05
C SER D 121 -2.07 6.03 -23.18
N GLY D 122 -2.25 4.74 -22.84
CA GLY D 122 -2.27 3.68 -23.83
C GLY D 122 -0.93 3.01 -24.12
N ASN D 123 0.16 3.50 -23.56
CA ASN D 123 1.49 3.00 -23.91
C ASN D 123 1.94 1.89 -22.96
N THR D 124 2.76 0.98 -23.48
CA THR D 124 3.23 -0.16 -22.70
C THR D 124 4.70 -0.50 -22.94
N VAL D 125 5.37 0.18 -23.84
CA VAL D 125 6.77 -0.11 -24.11
C VAL D 125 7.59 1.14 -23.91
N HIS D 126 8.81 0.93 -23.44
CA HIS D 126 9.74 2.02 -23.20
C HIS D 126 10.33 2.53 -24.51
N ALA D 127 10.31 3.85 -24.71
CA ALA D 127 10.97 4.50 -25.83
C ALA D 127 11.87 5.60 -25.29
N GLY D 128 12.82 5.23 -24.44
CA GLY D 128 13.61 6.21 -23.75
C GLY D 128 15.02 5.71 -23.47
N LYS D 129 15.63 6.31 -22.45
CA LYS D 129 17.05 6.09 -22.19
C LYS D 129 17.35 4.63 -21.86
N ILE D 130 18.59 4.24 -22.11
CA ILE D 130 19.13 2.94 -21.73
C ILE D 130 20.37 3.23 -20.89
N PRO D 131 20.61 2.54 -19.77
CA PRO D 131 21.81 2.83 -18.99
C PRO D 131 23.06 2.61 -19.82
N LYS D 132 24.02 3.54 -19.70
CA LYS D 132 25.28 3.39 -20.41
C LYS D 132 26.01 2.08 -20.11
N ARG D 133 26.46 1.89 -18.87
CA ARG D 133 27.38 0.81 -18.59
C ARG D 133 26.80 -0.57 -18.91
N ILE D 134 25.50 -0.75 -18.74
CA ILE D 134 24.89 -2.05 -19.00
C ILE D 134 24.17 -2.08 -20.35
N GLY D 135 23.58 -0.97 -20.76
CA GLY D 135 23.10 -0.91 -22.13
C GLY D 135 24.23 -1.00 -23.13
N GLY D 136 25.26 -0.15 -22.97
CA GLY D 136 26.37 -0.14 -23.92
C GLY D 136 27.02 -1.50 -24.11
N ASN D 137 27.29 -2.21 -23.01
CA ASN D 137 27.88 -3.53 -23.13
C ASN D 137 26.93 -4.53 -23.79
N LEU D 138 25.63 -4.45 -23.48
CA LEU D 138 24.72 -5.42 -24.09
C LEU D 138 24.55 -5.16 -25.59
N HIS D 139 24.57 -3.91 -26.02
CA HIS D 139 24.54 -3.67 -27.45
C HIS D 139 25.83 -4.14 -28.13
N VAL D 140 26.96 -4.13 -27.42
CA VAL D 140 28.21 -4.64 -27.97
C VAL D 140 28.13 -6.15 -28.15
N ARG D 141 27.60 -6.85 -27.14
CA ARG D 141 27.33 -8.28 -27.27
C ARG D 141 26.42 -8.57 -28.45
N ARG D 142 25.38 -7.76 -28.64
CA ARG D 142 24.54 -7.86 -29.83
C ARG D 142 25.36 -7.77 -31.11
N GLN D 143 26.21 -6.76 -31.24
CA GLN D 143 27.02 -6.63 -32.45
C GLN D 143 27.93 -7.82 -32.63
N ILE D 144 28.67 -8.20 -31.57
CA ILE D 144 29.56 -9.36 -31.66
C ILE D 144 28.82 -10.55 -32.26
N ASP D 145 27.64 -10.87 -31.73
CA ASP D 145 26.95 -12.08 -32.16
C ASP D 145 26.46 -12.00 -33.60
N MET D 146 26.02 -10.82 -34.05
CA MET D 146 25.54 -10.78 -35.42
C MET D 146 26.69 -10.70 -36.41
N LEU D 147 27.86 -10.21 -35.99
CA LEU D 147 29.01 -10.31 -36.88
C LEU D 147 29.59 -11.72 -36.88
N LYS D 148 29.67 -12.36 -35.70
CA LYS D 148 30.05 -13.77 -35.67
C LYS D 148 29.13 -14.60 -36.56
N LYS D 149 27.85 -14.24 -36.65
CA LYS D 149 26.95 -14.92 -37.59
C LYS D 149 27.24 -14.48 -39.02
N GLU D 150 27.74 -13.25 -39.23
CA GLU D 150 28.10 -12.83 -40.57
C GLU D 150 29.46 -13.38 -40.99
N LEU D 151 30.38 -13.53 -40.02
CA LEU D 151 31.63 -14.21 -40.29
C LEU D 151 31.41 -15.67 -40.67
N GLU D 152 30.46 -16.32 -39.99
CA GLU D 152 30.09 -17.70 -40.30
C GLU D 152 29.76 -17.87 -41.78
N SER D 153 28.91 -17.00 -42.33
CA SER D 153 28.53 -17.15 -43.72
C SER D 153 29.68 -16.77 -44.65
N LEU D 154 30.60 -15.92 -44.21
CA LEU D 154 31.68 -15.53 -45.11
C LEU D 154 32.72 -16.61 -45.28
N ILE D 155 32.72 -17.63 -44.42
CA ILE D 155 33.60 -18.78 -44.61
C ILE D 155 32.95 -19.80 -45.55
N HIS D 156 31.62 -19.99 -45.42
CA HIS D 156 30.90 -20.83 -46.37
C HIS D 156 30.98 -20.23 -47.78
N GLN D 157 30.79 -18.91 -47.89
CA GLN D 157 31.21 -18.20 -49.10
C GLN D 157 32.72 -18.10 -49.10
N GLU D 158 33.28 -17.73 -50.24
CA GLU D 158 34.74 -17.71 -50.36
C GLU D 158 35.23 -16.27 -50.50
N GLU D 159 34.61 -15.37 -49.75
CA GLU D 159 34.92 -13.94 -49.83
C GLU D 159 35.76 -13.53 -48.62
N PHE D 160 37.00 -13.99 -48.63
CA PHE D 160 37.85 -14.00 -47.45
C PHE D 160 38.49 -12.64 -47.14
N GLU D 161 38.48 -11.68 -48.06
CA GLU D 161 38.98 -10.35 -47.68
C GLU D 161 38.03 -9.66 -46.73
N ASN D 162 36.75 -9.61 -47.07
CA ASN D 162 35.80 -8.99 -46.17
C ASN D 162 35.80 -9.69 -44.85
N ALA D 163 35.95 -11.01 -44.88
CA ALA D 163 36.04 -11.74 -43.64
C ALA D 163 37.14 -11.16 -42.77
N ALA D 164 38.24 -10.72 -43.38
CA ALA D 164 39.36 -10.16 -42.61
C ALA D 164 38.91 -8.97 -41.77
N HIS D 165 38.11 -8.08 -42.35
CA HIS D 165 37.66 -6.88 -41.67
C HIS D 165 36.65 -7.19 -40.58
N VAL D 166 35.65 -8.00 -40.92
CA VAL D 166 34.63 -8.35 -39.95
C VAL D 166 35.28 -9.00 -38.74
N ARG D 167 36.30 -9.81 -39.01
CA ARG D 167 37.03 -10.45 -37.93
C ARG D 167 37.71 -9.42 -37.04
N ASP D 168 38.27 -8.37 -37.63
CA ASP D 168 38.94 -7.35 -36.82
C ASP D 168 37.93 -6.54 -36.03
N GLN D 169 36.74 -6.33 -36.59
CA GLN D 169 35.67 -5.70 -35.81
C GLN D 169 35.35 -6.51 -34.57
N ILE D 170 35.04 -7.80 -34.73
CA ILE D 170 34.73 -8.66 -33.58
C ILE D 170 35.83 -8.58 -32.52
N ARG D 171 37.10 -8.64 -32.95
CA ARG D 171 38.22 -8.52 -32.02
C ARG D 171 38.28 -7.13 -31.42
N LEU D 172 37.89 -6.11 -32.19
CA LEU D 172 37.91 -4.74 -31.68
C LEU D 172 36.85 -4.54 -30.59
N LEU D 173 35.63 -5.02 -30.85
CA LEU D 173 34.56 -4.84 -29.87
C LEU D 173 34.84 -5.61 -28.60
N GLU D 174 35.38 -6.83 -28.71
CA GLU D 174 35.57 -7.64 -27.50
C GLU D 174 36.59 -7.01 -26.57
N GLN D 175 37.58 -6.32 -27.12
CA GLN D 175 38.57 -5.66 -26.27
C GLN D 175 38.01 -4.37 -25.68
N SER D 176 37.10 -3.69 -26.40
CA SER D 176 36.40 -2.53 -25.85
C SER D 176 35.58 -2.90 -24.63
N LEU D 177 35.16 -4.16 -24.54
CA LEU D 177 34.42 -4.65 -23.38
C LEU D 177 35.35 -4.74 -22.16
#